data_8W0A
#
_entry.id   8W0A
#
loop_
_entity.id
_entity.type
_entity.pdbx_description
1 polymer 'DNA polymerase theta'
2 polymer "DNA (5'-D(P*TP*TP*TP*TP*TP*TP*T)-3')"
#
loop_
_entity_poly.entity_id
_entity_poly.type
_entity_poly.pdbx_seq_one_letter_code
_entity_poly.pdbx_strand_id
1 'polypeptide(L)'
;MNLLRRSGKRRRSESGSDSFSGSGGDSSASPQFLSGSVLSPPPGLGRCLKAAAAGECKPTVPDYERDKLLLANWGLPKAV
LEKYHSFGVKKMFEWQAECLLLGQVLEGKNLVYSAPTSAGKTLVAELLILKRVLEMRKKALFILPFVSVAKEKKYYLQSL
FQEVGIKVDGYMGSTSPSRHFSSLDIAVCTIERANGLINRLIEENKMDLLGMVVVDELHMLGDSHRGYLLELLLTKICYI
TRKSASCQADLASSLSNAVQIVGMSATLPNLELVASWLNAELYHTDFRPVPLLESVKVGNSIYDSSMKLVREFEPMLQVK
GDEDHVVSLCYETICDNHSVLLFCPSKKWCEKLADIIAREFYNLHHQAEGLVKPSECPPVILEQKELLEVMDQLRRLPSG
LDSVLQKTVPWGVAFHHAGLTFEERDIIEGAFRQGLIRVLAATSTLSSGVNLPARRVIIRTPIFGGRPLDILTYKQMVGR
AGRKGVDTVGESILICKNSEKSKGIALLQGSLKPVRSCLQRREGEEVTGSMIRAILEIIVGGVASTSQDMHTYAACTFLA
ASMKEGKQGIQRNQESVQLGAIEACVMWLLENEFIQSTEASDGTEGKVYHPTHLGSATLSSSLSPADTLDIFADLQRAMK
GFVLENDLHILYLVTPMFEDWTTIDWYRFFCLWEKLPTSMKRVAELVGVEEGFLARCVKGKVVARTERQHRQMAIHKRFF
TSLVLLDLISEVPLREINQKYGCNRGQIQSLQQSAAVYAGMITVFSNRLGWHNMELLLSQFQKRLTFGIQRELCDLVRVS
LLNAQRARVLYASGFHTVADLARANIVEVEVILKNAVPFKSARKAVDEEEEAVEERRNMRTIWVTGRKGLTEREAAALIV
EEARMILQQDLVEM
;
C,A
2 'polydeoxyribonucleotide'
;(DC)(DC)(DA)(DA)(DC)(DC)(DG)(DA)(DC)(DC)(DA)(DC)(DA)(DC)(DC)(DC)(DA)(DC)(DC)(DA)
(DC)(DC)(DC)(DT)(DA)(DC)(DC)(DG)(DC)(DC)(DT)(DT)(DT)(DT)(DT)(DT)(DT)(DT)(DT)(DT)
(DT)(DT)(DT)(DT)(DT)
;
D,B
#
# COMPACT_ATOMS: atom_id res chain seq x y z
N LYS A 68 21.32 -29.12 53.92
CA LYS A 68 21.57 -27.74 54.34
C LYS A 68 22.20 -26.96 53.20
N LEU A 69 23.50 -27.13 53.01
CA LEU A 69 24.26 -26.38 52.01
C LEU A 69 24.38 -27.17 50.72
N LEU A 70 23.22 -27.44 50.11
CA LEU A 70 23.17 -28.18 48.85
C LEU A 70 21.78 -27.99 48.27
N LEU A 71 21.71 -27.62 46.99
CA LEU A 71 20.42 -27.24 46.40
C LEU A 71 19.48 -28.43 46.24
N ALA A 72 20.02 -29.63 46.07
CA ALA A 72 19.16 -30.80 45.91
C ALA A 72 18.35 -31.09 47.17
N ASN A 73 18.87 -30.71 48.34
CA ASN A 73 18.10 -30.87 49.57
C ASN A 73 16.85 -30.02 49.56
N TRP A 74 16.95 -28.80 49.02
CA TRP A 74 15.81 -27.90 48.96
C TRP A 74 14.77 -28.42 47.97
N GLY A 75 13.53 -27.95 48.15
CA GLY A 75 12.44 -28.36 47.29
C GLY A 75 12.45 -27.64 45.96
N LEU A 76 12.71 -28.37 44.88
CA LEU A 76 12.73 -27.83 43.53
C LEU A 76 12.50 -28.97 42.55
N PRO A 77 12.02 -28.67 41.35
CA PRO A 77 11.79 -29.73 40.37
C PRO A 77 13.07 -30.47 40.03
N LYS A 78 12.95 -31.78 39.83
CA LYS A 78 14.12 -32.62 39.60
C LYS A 78 14.84 -32.26 38.31
N ALA A 79 14.07 -32.01 37.24
CA ALA A 79 14.68 -31.72 35.94
C ALA A 79 15.58 -30.51 35.99
N VAL A 80 15.23 -29.50 36.80
CA VAL A 80 16.07 -28.32 36.93
C VAL A 80 17.44 -28.70 37.50
N LEU A 81 17.45 -29.56 38.52
CA LEU A 81 18.73 -29.90 39.12
C LEU A 81 19.53 -30.88 38.25
N GLU A 82 18.84 -31.73 37.47
CA GLU A 82 19.55 -32.50 36.45
C GLU A 82 20.22 -31.57 35.43
N LYS A 83 19.50 -30.55 34.98
CA LYS A 83 20.08 -29.61 34.01
C LYS A 83 21.24 -28.84 34.63
N TYR A 84 21.11 -28.44 35.89
CA TYR A 84 22.18 -27.72 36.56
C TYR A 84 23.43 -28.59 36.71
N HIS A 85 23.26 -29.80 37.25
CA HIS A 85 24.41 -30.66 37.51
C HIS A 85 25.02 -31.20 36.23
N SER A 86 24.24 -31.30 35.15
CA SER A 86 24.80 -31.71 33.88
C SER A 86 25.82 -30.70 33.37
N PHE A 87 25.53 -29.41 33.54
CA PHE A 87 26.50 -28.38 33.17
C PHE A 87 27.75 -28.45 34.03
N GLY A 88 27.59 -28.73 35.33
CA GLY A 88 28.71 -28.79 36.24
C GLY A 88 28.46 -28.03 37.52
N VAL A 89 27.22 -27.57 37.70
CA VAL A 89 26.86 -26.84 38.91
C VAL A 89 26.88 -27.79 40.11
N LYS A 90 27.23 -27.24 41.27
CA LYS A 90 27.41 -28.04 42.47
C LYS A 90 26.70 -27.38 43.66
N LYS A 91 27.00 -27.83 44.87
CA LYS A 91 26.33 -27.32 46.05
C LYS A 91 26.48 -25.80 46.16
N MET A 92 25.38 -25.14 46.51
CA MET A 92 25.37 -23.69 46.67
C MET A 92 26.19 -23.27 47.89
N PHE A 93 26.64 -22.01 47.86
CA PHE A 93 27.46 -21.47 48.93
C PHE A 93 26.57 -20.98 50.07
N GLU A 94 27.17 -20.28 51.04
CA GLU A 94 26.42 -19.84 52.20
C GLU A 94 25.53 -18.62 51.90
N TRP A 95 25.96 -17.75 50.98
CA TRP A 95 25.23 -16.50 50.77
C TRP A 95 23.85 -16.76 50.19
N GLN A 96 23.70 -17.81 49.38
CA GLN A 96 22.38 -18.15 48.87
C GLN A 96 21.44 -18.54 50.00
N ALA A 97 21.91 -19.35 50.94
CA ALA A 97 21.09 -19.73 52.07
C ALA A 97 20.75 -18.52 52.93
N GLU A 98 21.71 -17.63 53.14
CA GLU A 98 21.43 -16.43 53.93
C GLU A 98 20.42 -15.53 53.24
N CYS A 99 20.51 -15.39 51.92
CA CYS A 99 19.55 -14.59 51.17
C CYS A 99 18.15 -15.18 51.29
N LEU A 100 18.03 -16.50 51.10
CA LEU A 100 16.72 -17.12 51.09
C LEU A 100 16.12 -17.28 52.48
N LEU A 101 16.93 -17.23 53.52
CA LEU A 101 16.46 -17.41 54.90
C LEU A 101 16.53 -16.12 55.70
N LEU A 102 16.19 -15.00 55.06
CA LEU A 102 16.17 -13.71 55.74
C LEU A 102 14.88 -13.48 56.53
N GLY A 103 13.88 -14.33 56.36
CA GLY A 103 12.61 -14.14 57.03
C GLY A 103 11.43 -14.34 56.11
N GLN A 104 10.61 -13.30 55.93
CA GLN A 104 9.46 -13.36 55.04
C GLN A 104 9.82 -13.02 53.60
N VAL A 105 11.10 -13.14 53.22
CA VAL A 105 11.50 -12.86 51.85
C VAL A 105 10.82 -13.82 50.89
N LEU A 106 10.70 -15.10 51.28
CA LEU A 106 10.07 -16.09 50.41
C LEU A 106 8.62 -15.74 50.11
N GLU A 107 8.00 -14.89 50.94
CA GLU A 107 6.63 -14.45 50.71
C GLU A 107 6.63 -13.25 49.77
N GLY A 108 5.50 -12.55 49.70
CA GLY A 108 5.37 -11.39 48.84
C GLY A 108 6.22 -10.21 49.27
N LYS A 109 6.82 -10.25 50.45
CA LYS A 109 7.76 -9.22 50.86
C LYS A 109 8.95 -9.20 49.90
N ASN A 110 9.33 -8.00 49.45
CA ASN A 110 10.37 -7.87 48.44
C ASN A 110 11.74 -8.22 49.03
N LEU A 111 12.75 -8.22 48.16
CA LEU A 111 14.10 -8.60 48.56
C LEU A 111 15.12 -7.87 47.70
N VAL A 112 16.21 -7.42 48.33
CA VAL A 112 17.35 -6.83 47.65
C VAL A 112 18.60 -7.46 48.23
N TYR A 113 19.45 -8.03 47.37
CA TYR A 113 20.64 -8.74 47.84
C TYR A 113 21.81 -8.44 46.91
N SER A 114 23.02 -8.73 47.41
CA SER A 114 24.27 -8.35 46.75
C SER A 114 25.26 -9.51 46.73
N ALA A 115 24.80 -10.68 46.29
CA ALA A 115 25.66 -11.85 46.20
C ALA A 115 26.78 -11.60 45.18
N PRO A 116 27.92 -12.27 45.33
CA PRO A 116 29.06 -12.00 44.44
C PRO A 116 28.75 -12.28 42.97
N THR A 117 29.34 -11.46 42.09
CA THR A 117 29.02 -11.55 40.66
C THR A 117 29.57 -12.82 40.03
N SER A 118 30.74 -13.27 40.47
CA SER A 118 31.41 -14.40 39.85
C SER A 118 31.16 -15.71 40.58
N ALA A 119 30.22 -15.74 41.52
CA ALA A 119 29.97 -16.92 42.34
C ALA A 119 28.47 -17.20 42.43
N GLY A 120 27.79 -17.15 41.30
CA GLY A 120 26.37 -17.47 41.26
C GLY A 120 25.47 -16.38 41.79
N LYS A 121 25.61 -15.15 41.27
CA LYS A 121 24.76 -14.05 41.73
C LYS A 121 23.30 -14.29 41.37
N THR A 122 23.02 -14.80 40.18
CA THR A 122 21.65 -14.93 39.69
C THR A 122 20.95 -16.18 40.19
N LEU A 123 21.64 -17.04 40.94
CA LEU A 123 21.02 -18.30 41.37
C LEU A 123 19.83 -18.04 42.29
N VAL A 124 19.96 -17.07 43.20
CA VAL A 124 18.87 -16.79 44.14
C VAL A 124 17.62 -16.30 43.39
N ALA A 125 17.80 -15.37 42.46
CA ALA A 125 16.67 -14.88 41.69
C ALA A 125 16.07 -15.96 40.80
N GLU A 126 16.92 -16.81 40.21
CA GLU A 126 16.42 -17.90 39.38
C GLU A 126 15.60 -18.89 40.20
N LEU A 127 16.03 -19.17 41.43
CA LEU A 127 15.27 -20.07 42.29
C LEU A 127 13.97 -19.42 42.76
N LEU A 128 14.00 -18.12 43.04
CA LEU A 128 12.81 -17.43 43.51
C LEU A 128 11.75 -17.28 42.41
N ILE A 129 12.18 -17.11 41.16
CA ILE A 129 11.25 -16.87 40.07
C ILE A 129 10.32 -18.03 39.82
N LEU A 130 10.71 -19.25 40.23
CA LEU A 130 9.85 -20.40 40.01
C LEU A 130 8.67 -20.43 40.98
N LYS A 131 8.92 -20.09 42.24
CA LYS A 131 7.89 -20.24 43.26
C LYS A 131 6.68 -19.35 42.98
N ARG A 132 6.92 -18.10 42.60
CA ARG A 132 5.80 -17.17 42.42
C ARG A 132 5.01 -17.49 41.16
N VAL A 133 5.70 -17.87 40.07
CA VAL A 133 4.97 -18.19 38.85
C VAL A 133 4.36 -19.59 38.89
N LEU A 134 4.72 -20.42 39.86
CA LEU A 134 4.03 -21.69 40.02
C LEU A 134 2.87 -21.61 41.01
N GLU A 135 3.03 -20.83 42.09
CA GLU A 135 1.96 -20.68 43.07
C GLU A 135 0.95 -19.63 42.64
N MET A 136 1.40 -18.38 42.51
CA MET A 136 0.49 -17.30 42.12
C MET A 136 0.10 -17.42 40.65
N ARG A 137 1.06 -17.72 39.79
CA ARG A 137 0.83 -17.96 38.36
C ARG A 137 0.16 -16.76 37.69
N LYS A 138 0.85 -15.62 37.73
CA LYS A 138 0.40 -14.43 37.02
C LYS A 138 1.37 -14.03 35.90
N LYS A 139 2.62 -13.74 36.23
CA LYS A 139 3.64 -13.34 35.28
C LYS A 139 4.94 -13.11 36.06
N ALA A 140 6.03 -12.92 35.32
CA ALA A 140 7.31 -12.53 35.90
C ALA A 140 8.19 -11.99 34.81
N LEU A 141 8.54 -10.71 34.90
CA LEU A 141 9.44 -10.12 33.91
C LEU A 141 10.89 -10.45 34.27
N PHE A 142 11.81 -10.01 33.40
CA PHE A 142 13.24 -10.20 33.63
C PHE A 142 13.97 -9.16 32.80
N ILE A 143 14.80 -8.35 33.45
CA ILE A 143 15.39 -7.18 32.82
C ILE A 143 16.90 -7.28 32.89
N LEU A 144 17.55 -7.14 31.74
CA LEU A 144 19.00 -7.19 31.59
C LEU A 144 19.46 -6.00 30.77
N PRO A 145 20.70 -5.54 30.96
CA PRO A 145 21.12 -4.29 30.31
C PRO A 145 21.53 -4.43 28.84
N PHE A 146 22.06 -5.59 28.45
CA PHE A 146 22.64 -5.74 27.12
C PHE A 146 22.00 -6.89 26.36
N VAL A 147 22.11 -6.82 25.03
CA VAL A 147 21.43 -7.77 24.16
C VAL A 147 22.09 -9.15 24.24
N SER A 148 23.42 -9.20 24.25
CA SER A 148 24.10 -10.49 24.23
C SER A 148 23.86 -11.29 25.50
N VAL A 149 24.00 -10.64 26.66
CA VAL A 149 23.70 -11.32 27.92
C VAL A 149 22.23 -11.68 27.99
N ALA A 150 21.36 -10.84 27.42
CA ALA A 150 19.94 -11.16 27.36
C ALA A 150 19.71 -12.44 26.56
N LYS A 151 20.40 -12.60 25.43
CA LYS A 151 20.25 -13.80 24.62
C LYS A 151 20.78 -15.03 25.35
N GLU A 152 21.93 -14.90 26.01
CA GLU A 152 22.49 -16.04 26.75
C GLU A 152 21.55 -16.46 27.87
N LYS A 153 21.03 -15.49 28.63
CA LYS A 153 20.06 -15.80 29.68
C LYS A 153 18.78 -16.35 29.08
N LYS A 154 18.38 -15.89 27.90
CA LYS A 154 17.20 -16.45 27.24
C LYS A 154 17.39 -17.92 26.92
N TYR A 155 18.56 -18.28 26.40
CA TYR A 155 18.82 -19.69 26.09
C TYR A 155 18.90 -20.53 27.35
N TYR A 156 19.55 -20.02 28.39
CA TYR A 156 19.60 -20.74 29.68
C TYR A 156 18.21 -20.96 30.24
N LEU A 157 17.41 -19.89 30.32
CA LEU A 157 16.06 -19.99 30.83
C LEU A 157 15.19 -20.86 29.95
N GLN A 158 15.46 -20.88 28.64
CA GLN A 158 14.80 -21.84 27.77
C GLN A 158 15.08 -23.26 28.23
N SER A 159 16.36 -23.64 28.22
CA SER A 159 16.75 -25.01 28.54
C SER A 159 16.26 -25.43 29.92
N LEU A 160 16.07 -24.47 30.83
CA LEU A 160 15.56 -24.82 32.15
C LEU A 160 14.03 -24.87 32.19
N PHE A 161 13.38 -23.74 31.92
CA PHE A 161 11.95 -23.61 32.17
C PHE A 161 11.13 -24.35 31.11
N GLN A 162 11.53 -24.28 29.84
CA GLN A 162 10.79 -25.02 28.82
C GLN A 162 10.86 -26.52 29.07
N GLU A 163 11.98 -26.99 29.62
CA GLU A 163 12.03 -28.36 30.13
C GLU A 163 11.05 -28.55 31.27
N VAL A 164 11.00 -27.58 32.19
CA VAL A 164 9.97 -27.62 33.24
C VAL A 164 8.58 -27.45 32.63
N GLY A 165 8.42 -26.49 31.72
CA GLY A 165 7.14 -26.25 31.11
C GLY A 165 6.71 -24.80 31.16
N ILE A 166 7.53 -23.96 31.77
CA ILE A 166 7.23 -22.53 31.90
C ILE A 166 7.75 -21.82 30.66
N LYS A 167 6.85 -21.20 29.92
CA LYS A 167 7.21 -20.55 28.67
C LYS A 167 8.16 -19.38 28.92
N VAL A 168 9.21 -19.31 28.10
CA VAL A 168 10.22 -18.25 28.20
C VAL A 168 10.21 -17.48 26.90
N ASP A 169 9.97 -16.17 26.98
CA ASP A 169 9.88 -15.31 25.81
C ASP A 169 11.00 -14.28 25.84
N GLY A 170 11.46 -13.92 24.65
CA GLY A 170 12.54 -12.96 24.51
C GLY A 170 12.08 -11.74 23.72
N TYR A 171 12.65 -10.59 24.07
CA TYR A 171 12.35 -9.33 23.39
C TYR A 171 13.60 -8.60 22.95
N MET A 172 14.79 -9.19 23.14
CA MET A 172 16.04 -8.48 22.89
C MET A 172 16.22 -8.18 21.41
N GLY A 173 16.84 -7.03 21.14
CA GLY A 173 17.21 -6.64 19.79
C GLY A 173 16.00 -6.50 18.88
N SER A 174 16.20 -6.91 17.63
CA SER A 174 15.13 -6.91 16.64
C SER A 174 14.30 -8.19 16.68
N THR A 175 14.65 -9.13 17.55
CA THR A 175 13.91 -10.39 17.65
C THR A 175 12.55 -10.12 18.30
N SER A 176 11.49 -10.34 17.55
CA SER A 176 10.14 -10.19 18.08
C SER A 176 9.72 -11.47 18.81
N PRO A 177 8.79 -11.37 19.76
CA PRO A 177 8.33 -12.57 20.47
C PRO A 177 7.69 -13.59 19.55
N SER A 178 7.04 -13.16 18.47
CA SER A 178 6.38 -14.04 17.51
C SER A 178 5.28 -14.89 18.15
N ARG A 179 4.74 -14.43 19.27
CA ARG A 179 3.67 -15.15 19.95
C ARG A 179 2.84 -14.14 20.75
N HIS A 180 1.65 -14.56 21.13
CA HIS A 180 0.77 -13.69 21.89
C HIS A 180 1.29 -13.49 23.31
N PHE A 181 1.13 -12.27 23.82
CA PHE A 181 1.63 -11.95 25.16
C PHE A 181 0.87 -12.74 26.22
N SER A 182 -0.45 -12.86 26.07
CA SER A 182 -1.29 -13.40 27.14
C SER A 182 -1.04 -14.88 27.44
N SER A 183 -0.05 -15.51 26.82
CA SER A 183 0.28 -16.90 27.09
C SER A 183 1.77 -17.05 27.38
N LEU A 184 2.32 -16.14 28.17
CA LEU A 184 3.74 -16.15 28.53
C LEU A 184 3.87 -15.89 30.01
N ASP A 185 4.99 -16.33 30.59
CA ASP A 185 5.23 -16.15 32.02
C ASP A 185 6.54 -15.44 32.33
N ILE A 186 7.64 -15.76 31.63
CA ILE A 186 8.96 -15.31 32.02
C ILE A 186 9.59 -14.46 30.93
N ALA A 187 8.78 -13.67 30.24
CA ALA A 187 9.24 -12.82 29.16
C ALA A 187 10.48 -12.02 29.56
N VAL A 188 11.58 -12.25 28.85
CA VAL A 188 12.87 -11.63 29.14
C VAL A 188 13.05 -10.44 28.21
N CYS A 189 13.24 -9.25 28.78
CA CYS A 189 13.35 -8.02 28.03
C CYS A 189 14.68 -7.33 28.32
N THR A 190 14.87 -6.17 27.70
CA THR A 190 16.10 -5.38 27.79
C THR A 190 15.78 -3.94 28.18
N ILE A 191 15.01 -3.79 29.27
CA ILE A 191 14.60 -2.49 29.81
C ILE A 191 13.58 -1.83 28.89
N GLU A 192 14.01 -1.43 27.69
CA GLU A 192 13.12 -0.69 26.80
C GLU A 192 11.89 -1.52 26.43
N ARG A 193 12.10 -2.80 26.10
CA ARG A 193 10.98 -3.67 25.79
C ARG A 193 10.08 -3.87 27.00
N ALA A 194 10.67 -4.01 28.19
CA ALA A 194 9.87 -4.17 29.40
C ALA A 194 9.06 -2.92 29.69
N ASN A 195 9.66 -1.74 29.53
CA ASN A 195 8.95 -0.49 29.75
C ASN A 195 7.80 -0.34 28.77
N GLY A 196 8.04 -0.65 27.49
CA GLY A 196 6.97 -0.59 26.51
C GLY A 196 5.84 -1.56 26.83
N LEU A 197 6.19 -2.77 27.27
CA LEU A 197 5.18 -3.75 27.63
C LEU A 197 4.33 -3.27 28.81
N ILE A 198 4.97 -2.70 29.83
CA ILE A 198 4.25 -2.21 31.00
C ILE A 198 3.32 -1.06 30.59
N ASN A 199 3.81 -0.14 29.76
CA ASN A 199 2.99 0.98 29.32
C ASN A 199 1.79 0.50 28.51
N ARG A 200 1.99 -0.49 27.63
CA ARG A 200 0.89 -1.00 26.84
C ARG A 200 -0.13 -1.72 27.72
N LEU A 201 0.33 -2.46 28.73
CA LEU A 201 -0.60 -3.10 29.66
C LEU A 201 -1.42 -2.06 30.43
N ILE A 202 -0.76 -0.97 30.86
CA ILE A 202 -1.47 0.07 31.60
C ILE A 202 -2.50 0.77 30.72
N GLU A 203 -2.14 1.08 29.47
CA GLU A 203 -3.09 1.68 28.54
C GLU A 203 -4.18 0.70 28.08
N GLU A 204 -4.21 -0.51 28.64
CA GLU A 204 -5.19 -1.52 28.28
C GLU A 204 -6.00 -2.02 29.47
N ASN A 205 -5.67 -1.61 30.69
CA ASN A 205 -6.34 -2.07 31.91
C ASN A 205 -6.20 -3.60 32.06
N LYS A 206 -4.94 -4.04 32.13
CA LYS A 206 -4.63 -5.45 32.30
C LYS A 206 -3.47 -5.66 33.27
N MET A 207 -3.26 -4.72 34.20
CA MET A 207 -2.17 -4.86 35.15
C MET A 207 -2.45 -5.93 36.20
N ASP A 208 -3.68 -6.43 36.28
CA ASP A 208 -4.03 -7.44 37.28
C ASP A 208 -3.17 -8.69 37.15
N LEU A 209 -2.69 -9.00 35.94
CA LEU A 209 -1.86 -10.18 35.73
C LEU A 209 -0.39 -9.76 35.77
N LEU A 210 0.14 -9.69 36.98
CA LEU A 210 1.55 -9.38 37.20
C LEU A 210 1.91 -9.84 38.60
N GLY A 211 2.95 -10.68 38.72
CA GLY A 211 3.31 -11.25 40.00
C GLY A 211 4.72 -10.99 40.46
N MET A 212 5.63 -10.75 39.51
CA MET A 212 7.04 -10.54 39.83
C MET A 212 7.65 -9.61 38.79
N VAL A 213 8.63 -8.82 39.22
CA VAL A 213 9.47 -8.03 38.32
C VAL A 213 10.91 -8.20 38.81
N VAL A 214 11.64 -9.12 38.19
CA VAL A 214 13.03 -9.35 38.57
C VAL A 214 13.92 -8.35 37.84
N VAL A 215 14.67 -7.57 38.60
CA VAL A 215 15.51 -6.50 38.07
C VAL A 215 16.96 -6.84 38.36
N ASP A 216 17.78 -6.83 37.32
CA ASP A 216 19.20 -7.13 37.45
C ASP A 216 20.01 -5.85 37.36
N GLU A 217 21.09 -5.80 38.16
CA GLU A 217 22.00 -4.66 38.20
C GLU A 217 21.25 -3.37 38.59
N LEU A 218 20.74 -3.40 39.82
CA LEU A 218 19.95 -2.30 40.36
C LEU A 218 20.76 -1.03 40.58
N HIS A 219 22.09 -1.09 40.49
CA HIS A 219 22.92 0.07 40.77
C HIS A 219 22.96 1.07 39.62
N MET A 220 22.35 0.76 38.48
CA MET A 220 22.35 1.65 37.33
C MET A 220 21.19 2.64 37.35
N LEU A 221 20.30 2.56 38.33
CA LEU A 221 19.11 3.41 38.34
C LEU A 221 19.42 4.89 38.55
N GLY A 222 20.66 5.22 38.95
CA GLY A 222 20.97 6.59 39.27
C GLY A 222 21.85 7.30 38.25
N ASP A 223 22.79 6.57 37.67
CA ASP A 223 23.74 7.16 36.72
C ASP A 223 23.80 6.25 35.49
N SER A 224 22.92 6.51 34.53
CA SER A 224 22.86 5.76 33.28
C SER A 224 21.83 6.43 32.38
N HIS A 225 21.87 6.08 31.10
CA HIS A 225 20.85 6.48 30.14
C HIS A 225 19.75 5.44 30.00
N ARG A 226 19.81 4.36 30.78
CA ARG A 226 18.82 3.30 30.67
C ARG A 226 18.41 2.73 32.02
N GLY A 227 18.72 3.39 33.12
CA GLY A 227 18.33 2.90 34.44
C GLY A 227 17.19 3.70 35.03
N TYR A 228 17.11 4.98 34.66
CA TYR A 228 15.98 5.78 35.09
C TYR A 228 14.67 5.17 34.57
N LEU A 229 14.74 4.41 33.48
CA LEU A 229 13.59 3.62 33.06
C LEU A 229 13.22 2.59 34.11
N LEU A 230 14.22 1.95 34.72
CA LEU A 230 13.95 1.01 35.80
C LEU A 230 13.30 1.72 36.99
N GLU A 231 13.81 2.91 37.33
CA GLU A 231 13.23 3.66 38.43
C GLU A 231 11.77 3.99 38.15
N LEU A 232 11.49 4.53 36.95
CA LEU A 232 10.12 4.90 36.59
C LEU A 232 9.21 3.69 36.62
N LEU A 233 9.67 2.56 36.07
CA LEU A 233 8.88 1.34 36.08
C LEU A 233 8.54 0.91 37.50
N LEU A 234 9.53 0.92 38.39
CA LEU A 234 9.31 0.44 39.75
C LEU A 234 8.34 1.34 40.52
N THR A 235 8.55 2.67 40.46
CA THR A 235 7.62 3.55 41.16
C THR A 235 6.22 3.46 40.57
N LYS A 236 6.10 3.31 39.24
CA LYS A 236 4.78 3.18 38.63
C LYS A 236 4.05 1.95 39.15
N ILE A 237 4.72 0.79 39.12
CA ILE A 237 4.03 -0.43 39.52
C ILE A 237 3.70 -0.39 41.01
N CYS A 238 4.62 0.15 41.83
CA CYS A 238 4.36 0.25 43.26
C CYS A 238 3.16 1.15 43.54
N TYR A 239 3.10 2.30 42.88
CA TYR A 239 2.00 3.23 43.09
C TYR A 239 0.67 2.59 42.68
N ILE A 240 0.63 1.98 41.50
CA ILE A 240 -0.64 1.43 41.03
C ILE A 240 -1.08 0.26 41.89
N THR A 241 -0.13 -0.54 42.39
CA THR A 241 -0.50 -1.67 43.23
C THR A 241 -0.97 -1.23 44.61
N ARG A 242 -0.25 -0.29 45.24
CA ARG A 242 -0.61 0.13 46.59
C ARG A 242 -1.89 0.95 46.60
N LYS A 243 -2.05 1.85 45.63
CA LYS A 243 -3.26 2.68 45.61
C LYS A 243 -4.51 1.86 45.36
N SER A 244 -4.42 0.85 44.49
CA SER A 244 -5.56 0.00 44.20
C SER A 244 -5.95 -0.84 45.41
N ASN A 257 2.15 -7.34 49.82
CA ASN A 257 2.51 -7.02 48.45
C ASN A 257 2.25 -8.21 47.53
N ALA A 258 1.22 -8.08 46.67
CA ALA A 258 0.91 -9.13 45.72
C ALA A 258 1.97 -9.25 44.63
N VAL A 259 2.77 -8.21 44.40
CA VAL A 259 3.81 -8.20 43.39
C VAL A 259 5.16 -8.01 44.09
N GLN A 260 6.09 -8.92 43.84
CA GLN A 260 7.43 -8.87 44.41
C GLN A 260 8.39 -8.24 43.41
N ILE A 261 9.28 -7.40 43.91
CA ILE A 261 10.16 -6.59 43.07
C ILE A 261 11.59 -7.01 43.37
N VAL A 262 11.80 -8.31 43.63
CA VAL A 262 13.11 -8.82 43.98
C VAL A 262 14.13 -8.41 42.93
N GLY A 263 15.26 -7.89 43.39
CA GLY A 263 16.31 -7.43 42.50
C GLY A 263 17.69 -7.62 43.10
N MET A 264 18.72 -7.16 42.43
CA MET A 264 20.08 -7.32 42.94
C MET A 264 20.97 -6.19 42.43
N SER A 265 21.99 -5.86 43.23
CA SER A 265 23.01 -4.91 42.87
C SER A 265 24.36 -5.47 43.31
N ALA A 266 25.44 -4.79 42.96
CA ALA A 266 26.77 -5.32 43.28
C ALA A 266 27.15 -5.00 44.72
N THR A 267 27.36 -3.72 45.03
CA THR A 267 27.68 -3.28 46.38
C THR A 267 27.56 -1.77 46.47
N LEU A 268 26.77 -1.27 47.40
CA LEU A 268 26.63 0.16 47.61
C LEU A 268 26.51 0.44 49.10
N PRO A 269 26.93 1.62 49.55
CA PRO A 269 26.80 1.94 50.98
C PRO A 269 25.36 2.10 51.43
N ASN A 270 24.56 2.83 50.66
CA ASN A 270 23.17 3.11 51.04
C ASN A 270 22.20 2.09 50.43
N LEU A 271 22.46 0.81 50.66
CA LEU A 271 21.57 -0.22 50.15
C LEU A 271 20.28 -0.31 50.96
N GLU A 272 20.34 0.02 52.24
CA GLU A 272 19.15 -0.07 53.08
C GLU A 272 18.09 0.93 52.64
N LEU A 273 18.51 2.16 52.30
CA LEU A 273 17.56 3.18 51.86
C LEU A 273 16.81 2.73 50.60
N VAL A 274 17.48 1.95 49.74
CA VAL A 274 16.79 1.39 48.59
C VAL A 274 15.79 0.32 49.04
N ALA A 275 16.17 -0.48 50.03
CA ALA A 275 15.27 -1.55 50.50
C ALA A 275 14.02 -0.97 51.15
N SER A 276 14.15 0.13 51.89
CA SER A 276 13.00 0.73 52.55
C SER A 276 11.98 1.23 51.54
N TRP A 277 12.43 1.86 50.46
CA TRP A 277 11.50 2.38 49.47
C TRP A 277 10.80 1.25 48.71
N LEU A 278 11.45 0.10 48.57
CA LEU A 278 10.83 -1.07 47.98
C LEU A 278 10.06 -1.91 48.99
N ASN A 279 10.10 -1.56 50.27
CA ASN A 279 9.49 -2.35 51.35
C ASN A 279 10.07 -3.77 51.32
N ALA A 280 11.37 -3.83 51.61
CA ALA A 280 12.12 -5.06 51.44
C ALA A 280 13.21 -5.15 52.50
N GLU A 281 13.66 -6.38 52.73
CA GLU A 281 14.77 -6.63 53.64
C GLU A 281 16.08 -6.35 52.91
N LEU A 282 17.21 -6.65 53.54
CA LEU A 282 18.51 -6.36 52.95
C LEU A 282 19.56 -7.26 53.56
N TYR A 283 20.49 -7.73 52.73
CA TYR A 283 21.65 -8.46 53.23
C TYR A 283 22.74 -8.41 52.17
N HIS A 284 23.95 -8.04 52.58
CA HIS A 284 25.08 -7.90 51.68
C HIS A 284 26.22 -8.80 52.14
N THR A 285 26.91 -9.40 51.19
CA THR A 285 27.99 -10.32 51.47
C THR A 285 29.21 -9.99 50.62
N ASP A 286 30.37 -10.51 51.02
CA ASP A 286 31.62 -10.24 50.32
C ASP A 286 32.53 -11.45 50.52
N PHE A 287 32.56 -12.33 49.53
CA PHE A 287 33.44 -13.51 49.58
C PHE A 287 33.57 -14.05 48.17
N ARG A 288 34.80 -14.12 47.66
CA ARG A 288 35.03 -14.60 46.30
C ARG A 288 35.51 -16.05 46.29
N PRO A 289 35.06 -16.84 45.32
CA PRO A 289 35.49 -18.26 45.29
C PRO A 289 37.00 -18.43 45.12
N VAL A 290 37.63 -17.56 44.35
CA VAL A 290 39.06 -17.62 44.09
C VAL A 290 39.70 -16.38 44.71
N PRO A 291 40.62 -16.52 45.66
CA PRO A 291 41.28 -15.34 46.22
C PRO A 291 41.98 -14.54 45.14
N LEU A 292 41.86 -13.22 45.23
CA LEU A 292 42.32 -12.33 44.18
C LEU A 292 43.53 -11.55 44.70
N LEU A 293 44.70 -11.79 44.11
CA LEU A 293 45.94 -11.12 44.48
C LEU A 293 46.03 -9.85 43.63
N GLU A 294 45.62 -8.72 44.20
CA GLU A 294 45.61 -7.46 43.50
C GLU A 294 46.88 -6.68 43.85
N SER A 295 47.64 -6.30 42.83
CA SER A 295 48.94 -5.69 43.05
C SER A 295 49.16 -4.56 42.04
N VAL A 296 50.13 -3.71 42.37
CA VAL A 296 50.54 -2.60 41.51
C VAL A 296 52.04 -2.71 41.30
N LYS A 297 52.47 -2.74 40.04
CA LYS A 297 53.87 -2.95 39.68
C LYS A 297 54.49 -1.61 39.28
N VAL A 298 55.60 -1.25 39.91
CA VAL A 298 56.37 -0.07 39.57
C VAL A 298 57.84 -0.46 39.48
N GLY A 299 58.47 -0.10 38.36
CA GLY A 299 59.89 -0.38 38.18
C GLY A 299 60.18 -1.86 38.09
N ASN A 300 60.84 -2.41 39.11
CA ASN A 300 61.23 -3.81 39.15
C ASN A 300 60.80 -4.44 40.47
N SER A 301 59.55 -4.17 40.88
CA SER A 301 59.04 -4.72 42.13
C SER A 301 57.52 -4.81 42.06
N ILE A 302 56.95 -5.61 42.96
CA ILE A 302 55.51 -5.80 43.04
C ILE A 302 55.08 -5.39 44.45
N TYR A 303 54.10 -4.50 44.53
CA TYR A 303 53.54 -4.05 45.80
C TYR A 303 52.08 -4.47 45.86
N ASP A 304 51.69 -5.07 46.98
CA ASP A 304 50.31 -5.51 47.16
C ASP A 304 49.41 -4.31 47.46
N SER A 305 48.14 -4.61 47.75
CA SER A 305 47.17 -3.54 48.01
C SER A 305 47.54 -2.75 49.25
N SER A 306 47.93 -3.43 50.32
CA SER A 306 48.26 -2.78 51.58
C SER A 306 49.76 -2.48 51.70
N MET A 307 50.32 -1.86 50.65
CA MET A 307 51.71 -1.40 50.63
C MET A 307 52.66 -2.47 51.16
N LYS A 308 52.63 -3.64 50.53
CA LYS A 308 53.46 -4.76 50.92
C LYS A 308 54.18 -5.33 49.70
N LEU A 309 55.46 -5.60 49.84
CA LEU A 309 56.25 -6.20 48.78
C LEU A 309 56.17 -7.72 48.87
N VAL A 310 55.79 -8.36 47.78
CA VAL A 310 55.65 -9.81 47.74
C VAL A 310 56.70 -10.48 46.85
N ARG A 311 57.04 -9.88 45.72
CA ARG A 311 58.05 -10.46 44.83
C ARG A 311 58.84 -9.37 44.12
N GLU A 323 60.74 -0.52 29.74
CA GLU A 323 60.92 -1.20 31.02
C GLU A 323 59.62 -1.82 31.50
N ASP A 324 58.61 -1.83 30.63
CA ASP A 324 57.32 -2.40 30.98
C ASP A 324 57.44 -3.89 31.27
N HIS A 325 58.25 -4.60 30.46
CA HIS A 325 58.50 -6.03 30.65
C HIS A 325 57.22 -6.85 30.56
N VAL A 326 56.24 -6.38 29.80
CA VAL A 326 55.01 -7.14 29.59
C VAL A 326 55.30 -8.44 28.86
N VAL A 327 56.27 -8.41 27.94
CA VAL A 327 56.68 -9.64 27.26
C VAL A 327 57.20 -10.64 28.27
N SER A 328 58.02 -10.17 29.22
CA SER A 328 58.47 -11.04 30.30
C SER A 328 57.30 -11.51 31.16
N LEU A 329 56.39 -10.59 31.49
CA LEU A 329 55.22 -10.97 32.29
C LEU A 329 54.36 -11.98 31.55
N CYS A 330 54.16 -11.80 30.25
CA CYS A 330 53.42 -12.77 29.45
C CYS A 330 54.17 -14.09 29.36
N TYR A 331 55.51 -14.04 29.31
CA TYR A 331 56.30 -15.25 29.15
C TYR A 331 56.12 -16.19 30.34
N GLU A 332 56.13 -15.64 31.57
CA GLU A 332 56.02 -16.48 32.75
C GLU A 332 54.64 -17.08 32.94
N THR A 333 53.65 -16.67 32.14
CA THR A 333 52.28 -17.15 32.29
C THR A 333 51.95 -18.30 31.36
N ILE A 334 52.39 -18.24 30.09
CA ILE A 334 52.07 -19.31 29.15
C ILE A 334 52.85 -20.59 29.47
N CYS A 335 53.93 -20.49 30.25
CA CYS A 335 54.71 -21.67 30.58
C CYS A 335 53.92 -22.69 31.39
N ASP A 336 52.90 -22.25 32.14
CA ASP A 336 52.05 -23.14 32.92
C ASP A 336 50.72 -23.42 32.22
N ASN A 337 50.74 -23.54 30.89
CA ASN A 337 49.60 -23.82 30.01
C ASN A 337 48.29 -23.21 30.51
N HIS A 338 48.26 -21.89 30.68
CA HIS A 338 47.03 -21.19 31.07
C HIS A 338 46.90 -19.94 30.21
N SER A 339 45.96 -19.07 30.57
CA SER A 339 45.59 -17.93 29.74
C SER A 339 46.20 -16.62 30.27
N VAL A 340 46.32 -15.66 29.36
CA VAL A 340 46.78 -14.30 29.68
C VAL A 340 45.82 -13.33 29.00
N LEU A 341 45.85 -12.08 29.45
CA LEU A 341 44.98 -11.06 28.87
C LEU A 341 45.49 -9.69 29.30
N LEU A 342 45.57 -8.75 28.37
CA LEU A 342 45.94 -7.38 28.67
C LEU A 342 44.93 -6.44 28.03
N PHE A 343 44.69 -5.31 28.68
CA PHE A 343 43.73 -4.31 28.22
C PHE A 343 44.46 -3.06 27.77
N CYS A 344 43.96 -2.45 26.70
CA CYS A 344 44.57 -1.28 26.08
C CYS A 344 43.56 -0.15 25.96
N PRO A 345 44.01 1.10 25.94
CA PRO A 345 43.09 2.23 25.89
C PRO A 345 42.61 2.61 24.50
N SER A 346 43.07 1.94 23.44
CA SER A 346 42.66 2.31 22.09
C SER A 346 42.75 1.08 21.19
N LYS A 347 42.02 1.13 20.07
CA LYS A 347 42.02 0.00 19.14
C LYS A 347 43.30 -0.05 18.32
N LYS A 348 43.82 1.10 17.90
CA LYS A 348 45.10 1.13 17.21
C LYS A 348 46.21 0.61 18.11
N TRP A 349 46.20 1.02 19.38
CA TRP A 349 47.16 0.49 20.34
C TRP A 349 46.91 -0.99 20.62
N CYS A 350 45.65 -1.42 20.57
CA CYS A 350 45.32 -2.82 20.84
C CYS A 350 45.94 -3.75 19.80
N GLU A 351 45.74 -3.44 18.53
CA GLU A 351 46.25 -4.31 17.46
C GLU A 351 47.75 -4.16 17.25
N LYS A 352 48.28 -2.94 17.45
CA LYS A 352 49.72 -2.75 17.33
C LYS A 352 50.48 -3.52 18.41
N LEU A 353 49.99 -3.50 19.65
CA LEU A 353 50.69 -4.16 20.74
C LEU A 353 50.50 -5.66 20.72
N ALA A 354 49.47 -6.17 20.03
CA ALA A 354 49.34 -7.62 19.91
C ALA A 354 50.34 -8.20 18.92
N ASP A 355 50.87 -7.39 18.00
CA ASP A 355 51.88 -7.84 17.06
C ASP A 355 53.27 -7.31 17.36
N ILE A 356 53.39 -6.20 18.10
CA ILE A 356 54.70 -5.76 18.59
C ILE A 356 55.30 -6.84 19.50
N ILE A 357 54.48 -7.39 20.40
CA ILE A 357 54.94 -8.49 21.23
C ILE A 357 55.19 -9.72 20.38
N ALA A 358 54.36 -9.94 19.35
CA ALA A 358 54.54 -11.10 18.48
C ALA A 358 55.85 -11.01 17.72
N ARG A 359 56.23 -9.81 17.27
CA ARG A 359 57.52 -9.63 16.63
C ARG A 359 58.66 -9.95 17.58
N GLU A 360 58.54 -9.52 18.85
CA GLU A 360 59.54 -9.83 19.85
C GLU A 360 59.49 -11.28 20.30
N PHE A 361 58.48 -12.05 19.88
CA PHE A 361 58.40 -13.46 20.21
C PHE A 361 58.98 -14.34 19.11
N TYR A 362 58.71 -14.00 17.84
CA TYR A 362 59.23 -14.80 16.74
C TYR A 362 60.74 -14.67 16.60
N ASN A 363 61.26 -13.45 16.77
CA ASN A 363 62.70 -13.24 16.60
C ASN A 363 63.50 -13.99 17.65
N LEU A 364 62.96 -14.13 18.86
CA LEU A 364 63.63 -14.92 19.88
C LEU A 364 63.67 -16.40 19.48
N HIS A 365 62.60 -16.90 18.89
CA HIS A 365 62.55 -18.30 18.46
C HIS A 365 63.49 -18.54 17.29
N GLU A 383 49.02 -26.63 21.06
CA GLU A 383 48.06 -27.37 20.25
C GLU A 383 48.09 -26.88 18.81
N GLN A 384 47.87 -27.80 17.86
CA GLN A 384 47.84 -27.45 16.45
C GLN A 384 46.72 -28.12 15.67
N LYS A 385 45.89 -28.97 16.30
CA LYS A 385 44.82 -29.64 15.56
C LYS A 385 43.79 -28.63 15.04
N GLU A 386 43.39 -27.69 15.90
CA GLU A 386 42.45 -26.65 15.49
C GLU A 386 43.14 -25.38 15.02
N LEU A 387 44.48 -25.32 15.08
CA LEU A 387 45.19 -24.13 14.66
C LEU A 387 45.06 -23.85 13.17
N LEU A 388 44.76 -24.87 12.37
CA LEU A 388 44.55 -24.68 10.94
C LEU A 388 43.09 -24.51 10.57
N GLU A 389 42.16 -24.96 11.43
CA GLU A 389 40.74 -24.75 11.15
C GLU A 389 40.39 -23.27 11.18
N VAL A 390 40.93 -22.53 12.14
CA VAL A 390 40.66 -21.09 12.22
C VAL A 390 41.30 -20.37 11.04
N MET A 391 42.48 -20.80 10.61
CA MET A 391 43.14 -20.16 9.48
C MET A 391 42.32 -20.29 8.21
N ASP A 392 41.73 -21.47 7.97
CA ASP A 392 40.83 -21.64 6.84
C ASP A 392 39.59 -20.78 6.98
N GLN A 393 39.09 -20.61 8.20
CA GLN A 393 37.92 -19.77 8.42
C GLN A 393 38.22 -18.31 8.08
N LEU A 394 39.46 -17.87 8.31
CA LEU A 394 39.81 -16.47 8.06
C LEU A 394 39.69 -16.12 6.58
N ARG A 395 40.20 -16.97 5.69
CA ARG A 395 40.13 -16.69 4.27
C ARG A 395 38.75 -16.99 3.68
N ARG A 396 37.99 -17.89 4.32
CA ARG A 396 36.68 -18.29 3.80
C ARG A 396 35.64 -17.17 3.93
N LEU A 397 35.84 -16.24 4.86
CA LEU A 397 34.88 -15.20 5.22
C LEU A 397 34.31 -14.46 4.01
N PRO A 398 33.06 -14.01 4.08
CA PRO A 398 32.51 -13.23 2.96
C PRO A 398 33.30 -11.97 2.67
N SER A 399 33.83 -11.32 3.70
CA SER A 399 34.69 -10.15 3.49
C SER A 399 36.13 -10.59 3.24
N GLY A 400 36.71 -11.34 4.17
CA GLY A 400 38.03 -11.90 3.98
C GLY A 400 39.12 -10.88 3.80
N LEU A 401 39.10 -9.80 4.58
CA LEU A 401 40.17 -8.79 4.48
C LEU A 401 41.51 -9.38 4.85
N ASP A 402 41.56 -10.18 5.92
CA ASP A 402 42.77 -10.87 6.36
C ASP A 402 43.93 -9.88 6.58
N SER A 403 43.69 -9.00 7.56
CA SER A 403 44.66 -7.98 7.93
C SER A 403 45.74 -8.60 8.82
N VAL A 404 46.51 -7.75 9.51
CA VAL A 404 47.60 -8.21 10.38
C VAL A 404 47.14 -9.24 11.40
N LEU A 405 45.83 -9.40 11.58
CA LEU A 405 45.32 -10.49 12.43
C LEU A 405 45.73 -11.85 11.89
N GLN A 406 45.68 -12.02 10.57
CA GLN A 406 45.96 -13.32 9.97
C GLN A 406 47.39 -13.78 10.26
N LYS A 407 48.33 -12.85 10.39
CA LYS A 407 49.73 -13.21 10.59
C LYS A 407 49.95 -13.94 11.91
N THR A 408 49.28 -13.50 12.98
CA THR A 408 49.57 -14.01 14.32
C THR A 408 48.43 -14.79 14.95
N VAL A 409 47.43 -15.21 14.16
CA VAL A 409 46.39 -16.09 14.71
C VAL A 409 46.97 -17.42 15.18
N PRO A 410 47.77 -18.17 14.39
CA PRO A 410 48.25 -19.46 14.88
C PRO A 410 49.53 -19.37 15.68
N TRP A 411 50.34 -18.34 15.44
CA TRP A 411 51.71 -18.27 15.95
C TRP A 411 51.81 -17.43 17.22
N GLY A 412 51.42 -16.18 17.17
CA GLY A 412 51.67 -15.28 18.28
C GLY A 412 50.43 -14.76 19.00
N VAL A 413 50.22 -13.45 18.92
CA VAL A 413 49.20 -12.75 19.71
C VAL A 413 48.30 -11.99 18.75
N ALA A 414 46.99 -12.16 18.91
CA ALA A 414 45.99 -11.48 18.10
C ALA A 414 45.25 -10.45 18.93
N PHE A 415 44.22 -9.84 18.33
CA PHE A 415 43.49 -8.76 18.96
C PHE A 415 41.99 -8.97 18.76
N HIS A 416 41.22 -8.36 19.65
CA HIS A 416 39.77 -8.50 19.65
C HIS A 416 39.14 -7.21 20.15
N HIS A 417 38.12 -6.73 19.46
CA HIS A 417 37.38 -5.54 19.87
C HIS A 417 36.04 -5.53 19.13
N ALA A 418 35.34 -4.40 19.20
CA ALA A 418 34.05 -4.25 18.54
C ALA A 418 34.16 -3.63 17.15
N GLY A 419 35.37 -3.44 16.63
CA GLY A 419 35.56 -2.91 15.30
C GLY A 419 35.64 -3.98 14.24
N LEU A 420 35.19 -5.18 14.58
CA LEU A 420 35.20 -6.32 13.68
C LEU A 420 33.79 -6.85 13.49
N THR A 421 33.63 -7.70 12.49
CA THR A 421 32.33 -8.28 12.17
C THR A 421 31.86 -9.15 13.35
N PHE A 422 30.53 -9.17 13.54
CA PHE A 422 29.96 -9.93 14.66
C PHE A 422 30.39 -11.38 14.64
N GLU A 423 30.68 -11.94 13.48
CA GLU A 423 31.14 -13.32 13.39
C GLU A 423 32.65 -13.43 13.57
N GLU A 424 33.42 -12.59 12.89
CA GLU A 424 34.88 -12.64 13.03
C GLU A 424 35.32 -12.27 14.44
N ARG A 425 34.70 -11.24 15.03
CA ARG A 425 35.03 -10.85 16.40
C ARG A 425 34.64 -11.94 17.38
N ASP A 426 33.48 -12.58 17.18
CA ASP A 426 33.05 -13.64 18.09
C ASP A 426 33.93 -14.87 17.99
N ILE A 427 34.44 -15.18 16.80
CA ILE A 427 35.23 -16.39 16.61
C ILE A 427 36.53 -16.31 17.41
N ILE A 428 37.13 -15.12 17.48
CA ILE A 428 38.35 -14.95 18.28
C ILE A 428 38.09 -15.35 19.73
N GLU A 429 36.92 -14.98 20.26
CA GLU A 429 36.56 -15.41 21.60
C GLU A 429 36.32 -16.92 21.65
N GLY A 430 35.97 -17.54 20.52
CA GLY A 430 35.75 -18.97 20.51
C GLY A 430 37.02 -19.77 20.75
N ALA A 431 38.14 -19.32 20.17
CA ALA A 431 39.40 -20.02 20.38
C ALA A 431 39.83 -19.96 21.84
N PHE A 432 39.57 -18.83 22.50
CA PHE A 432 39.94 -18.68 23.91
C PHE A 432 39.24 -19.71 24.79
N ARG A 433 38.06 -20.19 24.37
CA ARG A 433 37.33 -21.16 25.17
C ARG A 433 37.94 -22.55 25.11
N GLN A 434 38.58 -22.90 23.99
CA GLN A 434 39.15 -24.23 23.81
C GLN A 434 40.66 -24.27 24.03
N GLY A 435 41.41 -23.37 23.39
CA GLY A 435 42.85 -23.39 23.49
C GLY A 435 43.51 -22.43 22.52
N LEU A 436 44.50 -22.94 21.76
CA LEU A 436 45.13 -22.17 20.69
C LEU A 436 45.73 -20.86 21.19
N ILE A 437 45.17 -19.74 20.75
CA ILE A 437 45.67 -18.43 21.15
C ILE A 437 45.46 -18.22 22.64
N ARG A 438 46.42 -17.57 23.28
CA ARG A 438 46.33 -17.26 24.70
C ARG A 438 46.40 -15.77 25.01
N VAL A 439 47.30 -15.04 24.38
CA VAL A 439 47.49 -13.62 24.65
C VAL A 439 46.65 -12.80 23.69
N LEU A 440 46.13 -11.66 24.16
CA LEU A 440 45.30 -10.80 23.33
C LEU A 440 45.16 -9.45 24.01
N ALA A 441 44.69 -8.47 23.24
CA ALA A 441 44.32 -7.15 23.76
C ALA A 441 42.88 -6.88 23.35
N ALA A 442 42.13 -6.16 24.19
CA ALA A 442 40.69 -6.11 24.05
C ALA A 442 40.07 -4.72 24.18
N THR A 443 40.73 -3.78 24.83
CA THR A 443 40.13 -2.49 25.20
C THR A 443 38.90 -2.78 26.06
N SER A 444 37.93 -1.86 26.09
CA SER A 444 36.78 -2.04 26.98
C SER A 444 35.78 -3.05 26.43
N THR A 445 36.13 -3.74 25.34
CA THR A 445 35.21 -4.69 24.74
C THR A 445 34.88 -5.85 25.68
N LEU A 446 35.89 -6.42 26.33
CA LEU A 446 35.63 -7.50 27.29
C LEU A 446 35.39 -7.01 28.71
N SER A 447 35.41 -5.70 28.93
CA SER A 447 35.08 -5.18 30.25
C SER A 447 33.62 -5.46 30.61
N SER A 448 32.71 -5.26 29.66
CA SER A 448 31.29 -5.47 29.89
C SER A 448 30.60 -6.24 28.78
N GLY A 449 31.30 -6.56 27.68
CA GLY A 449 30.69 -7.28 26.59
C GLY A 449 30.37 -8.72 26.93
N VAL A 450 31.40 -9.54 27.11
CA VAL A 450 31.25 -10.95 27.47
C VAL A 450 32.25 -11.29 28.56
N ASN A 451 32.16 -12.51 29.06
CA ASN A 451 32.97 -12.98 30.18
C ASN A 451 34.03 -13.96 29.66
N LEU A 452 35.28 -13.51 29.63
CA LEU A 452 36.41 -14.35 29.22
C LEU A 452 37.42 -14.44 30.36
N PRO A 453 37.41 -15.51 31.14
CA PRO A 453 38.36 -15.62 32.24
C PRO A 453 39.80 -15.78 31.75
N ALA A 454 40.73 -15.31 32.59
CA ALA A 454 42.16 -15.41 32.33
C ALA A 454 42.89 -15.47 33.66
N ARG A 455 44.14 -15.92 33.61
CA ARG A 455 44.90 -16.06 34.86
C ARG A 455 45.31 -14.68 35.39
N ARG A 456 46.12 -13.95 34.63
CA ARG A 456 46.57 -12.64 35.02
C ARG A 456 46.07 -11.61 34.01
N VAL A 457 45.62 -10.46 34.51
CA VAL A 457 45.06 -9.42 33.69
C VAL A 457 45.90 -8.16 33.89
N ILE A 458 46.45 -7.63 32.80
CA ILE A 458 47.30 -6.46 32.83
C ILE A 458 46.44 -5.27 32.39
N ILE A 459 45.98 -4.49 33.37
CA ILE A 459 45.21 -3.28 33.08
C ILE A 459 46.05 -2.23 32.36
N ARG A 460 47.37 -2.38 32.38
CA ARG A 460 48.30 -1.48 31.67
C ARG A 460 48.13 -0.07 32.23
N THR A 461 47.83 0.92 31.41
CA THR A 461 47.86 2.31 31.85
C THR A 461 46.80 2.55 32.91
N PRO A 462 47.14 3.22 34.03
CA PRO A 462 46.10 3.58 35.00
C PRO A 462 45.06 4.53 34.44
N ILE A 463 45.44 5.42 33.51
CA ILE A 463 44.51 6.36 32.89
C ILE A 463 44.00 5.74 31.60
N PHE A 464 42.68 5.73 31.43
CA PHE A 464 42.03 5.16 30.24
C PHE A 464 41.20 6.23 29.57
N GLY A 465 41.46 6.46 28.28
CA GLY A 465 40.72 7.46 27.52
C GLY A 465 40.93 8.88 27.99
N GLY A 466 42.13 9.20 28.48
CA GLY A 466 42.42 10.54 28.93
C GLY A 466 41.84 10.91 30.27
N ARG A 467 41.18 9.97 30.96
CA ARG A 467 40.57 10.20 32.25
C ARG A 467 40.87 9.01 33.15
N PRO A 468 40.85 9.20 34.47
CA PRO A 468 41.08 8.07 35.37
C PRO A 468 40.05 6.97 35.17
N LEU A 469 40.51 5.73 35.24
CA LEU A 469 39.62 4.58 35.08
C LEU A 469 38.57 4.57 36.19
N ASP A 470 37.32 4.35 35.80
CA ASP A 470 36.23 4.36 36.76
C ASP A 470 36.36 3.20 37.74
N ILE A 471 35.83 3.42 38.95
CA ILE A 471 35.88 2.38 39.98
C ILE A 471 35.07 1.16 39.54
N LEU A 472 33.89 1.39 38.97
CA LEU A 472 33.09 0.27 38.46
C LEU A 472 33.79 -0.40 37.27
N THR A 473 34.36 0.38 36.37
CA THR A 473 35.04 -0.20 35.21
C THR A 473 36.28 -0.97 35.62
N TYR A 474 37.05 -0.43 36.57
CA TYR A 474 38.23 -1.13 37.04
C TYR A 474 37.85 -2.44 37.73
N LYS A 475 36.79 -2.42 38.55
CA LYS A 475 36.33 -3.64 39.21
C LYS A 475 35.78 -4.63 38.19
N GLN A 476 35.08 -4.14 37.17
CA GLN A 476 34.62 -5.02 36.09
C GLN A 476 35.80 -5.61 35.33
N MET A 477 36.81 -4.80 35.04
CA MET A 477 38.00 -5.29 34.34
C MET A 477 38.73 -6.34 35.17
N VAL A 478 38.97 -6.04 36.44
CA VAL A 478 39.77 -6.92 37.30
C VAL A 478 39.03 -8.23 37.56
N GLY A 479 37.72 -8.18 37.71
CA GLY A 479 36.94 -9.35 38.05
C GLY A 479 36.91 -10.43 36.98
N ARG A 480 37.46 -10.15 35.79
CA ARG A 480 37.50 -11.15 34.74
C ARG A 480 38.37 -12.35 35.13
N ALA A 481 39.43 -12.10 35.89
CA ALA A 481 40.34 -13.18 36.27
C ALA A 481 39.68 -14.18 37.19
N GLY A 482 39.97 -15.46 36.95
CA GLY A 482 39.45 -16.53 37.79
C GLY A 482 38.45 -17.44 37.11
N ARG A 483 38.74 -18.74 37.09
CA ARG A 483 37.84 -19.73 36.54
C ARG A 483 37.00 -20.34 37.66
N LYS A 484 36.22 -21.37 37.33
CA LYS A 484 35.40 -22.07 38.30
C LYS A 484 36.18 -23.20 38.96
N GLY A 485 37.25 -22.81 39.65
CA GLY A 485 38.12 -23.75 40.32
C GLY A 485 39.24 -24.33 39.48
N VAL A 486 39.28 -24.02 38.18
CA VAL A 486 40.35 -24.55 37.33
C VAL A 486 41.70 -24.00 37.77
N ASP A 487 41.77 -22.71 38.03
CA ASP A 487 43.00 -22.08 38.51
C ASP A 487 42.96 -21.99 40.03
N THR A 488 43.95 -21.31 40.60
CA THR A 488 44.06 -21.16 42.05
C THR A 488 43.91 -19.72 42.51
N VAL A 489 44.68 -18.80 41.94
CA VAL A 489 44.66 -17.40 42.33
C VAL A 489 44.52 -16.55 41.07
N GLY A 490 43.80 -15.45 41.19
CA GLY A 490 43.70 -14.45 40.13
C GLY A 490 44.59 -13.26 40.45
N GLU A 491 45.14 -12.65 39.41
CA GLU A 491 46.05 -11.53 39.55
C GLU A 491 45.59 -10.36 38.70
N SER A 492 45.95 -9.15 39.13
CA SER A 492 45.67 -7.93 38.40
C SER A 492 46.87 -7.00 38.50
N ILE A 493 47.52 -6.75 37.37
CA ILE A 493 48.73 -5.94 37.32
C ILE A 493 48.38 -4.58 36.72
N LEU A 494 48.83 -3.53 37.38
CA LEU A 494 48.66 -2.16 36.90
C LEU A 494 50.04 -1.56 36.69
N ILE A 495 50.48 -1.49 35.44
CA ILE A 495 51.81 -0.99 35.10
C ILE A 495 51.75 0.53 34.99
N CYS A 496 52.53 1.20 35.84
CA CYS A 496 52.54 2.65 35.91
C CYS A 496 53.83 3.09 36.59
N LYS A 497 54.42 4.18 36.07
CA LYS A 497 55.71 4.65 36.55
C LYS A 497 55.65 6.14 36.84
N ASN A 498 56.41 6.56 37.86
CA ASN A 498 56.55 7.96 38.24
C ASN A 498 55.21 8.64 38.45
N SER A 499 54.74 9.37 37.44
CA SER A 499 53.44 10.01 37.52
C SER A 499 52.34 8.95 37.62
N GLU A 500 51.14 9.41 37.98
CA GLU A 500 49.95 8.58 38.19
C GLU A 500 50.15 7.58 39.31
N LYS A 501 51.04 7.84 40.27
CA LYS A 501 51.23 6.92 41.38
C LYS A 501 50.03 6.92 42.32
N SER A 502 49.52 8.11 42.63
CA SER A 502 48.36 8.21 43.52
C SER A 502 47.12 7.63 42.88
N LYS A 503 47.03 7.71 41.55
CA LYS A 503 45.86 7.17 40.84
C LYS A 503 45.76 5.66 41.01
N GLY A 504 46.90 4.96 40.96
CA GLY A 504 46.87 3.52 41.11
C GLY A 504 46.45 3.07 42.49
N ILE A 505 47.01 3.69 43.53
CA ILE A 505 46.70 3.27 44.89
C ILE A 505 45.28 3.64 45.28
N ALA A 506 44.84 4.85 44.90
CA ALA A 506 43.48 5.28 45.23
C ALA A 506 42.45 4.39 44.54
N LEU A 507 42.68 4.06 43.27
CA LEU A 507 41.80 3.12 42.58
C LEU A 507 41.92 1.72 43.14
N LEU A 508 43.06 1.38 43.75
CA LEU A 508 43.20 0.08 44.40
C LEU A 508 42.37 -0.01 45.68
N GLN A 509 42.26 1.10 46.41
CA GLN A 509 41.51 1.16 47.66
C GLN A 509 40.39 2.18 47.49
N GLY A 510 39.24 1.72 46.98
CA GLY A 510 38.12 2.61 46.74
C GLY A 510 36.81 1.86 46.84
N SER A 511 35.73 2.64 46.94
CA SER A 511 34.39 2.08 47.06
C SER A 511 33.44 2.86 46.16
N LEU A 512 32.33 2.21 45.81
CA LEU A 512 31.36 2.81 44.90
C LEU A 512 30.57 3.91 45.59
N LYS A 513 30.20 4.92 44.82
CA LYS A 513 29.42 6.03 45.34
C LYS A 513 27.98 5.61 45.58
N PRO A 514 27.26 6.31 46.45
CA PRO A 514 25.87 5.95 46.74
C PRO A 514 24.97 6.20 45.54
N VAL A 515 23.79 5.57 45.59
CA VAL A 515 22.83 5.65 44.48
C VAL A 515 22.16 7.02 44.49
N ARG A 516 22.11 7.65 43.33
CA ARG A 516 21.41 8.91 43.17
C ARG A 516 19.97 8.64 42.72
N SER A 517 19.27 9.69 42.31
CA SER A 517 17.90 9.56 41.84
C SER A 517 17.65 10.21 40.48
N CYS A 518 18.59 11.01 39.96
CA CYS A 518 18.52 11.63 38.64
C CYS A 518 17.19 12.33 38.38
N LEU A 519 16.57 12.85 39.44
CA LEU A 519 15.31 13.57 39.31
C LEU A 519 15.38 14.91 40.02
N VAL A 527 13.00 21.64 34.96
CA VAL A 527 12.47 20.29 35.08
C VAL A 527 13.40 19.33 34.34
N THR A 528 13.34 18.05 34.71
CA THR A 528 14.21 17.03 34.14
C THR A 528 13.43 16.13 33.20
N GLY A 529 14.04 15.84 32.04
CA GLY A 529 13.40 14.99 31.04
C GLY A 529 13.10 13.60 31.53
N SER A 530 13.82 13.12 32.56
CA SER A 530 13.49 11.85 33.17
C SER A 530 12.23 11.93 34.02
N MET A 531 11.74 13.13 34.32
CA MET A 531 10.48 13.31 35.04
C MET A 531 9.32 13.66 34.13
N ILE A 532 9.58 14.31 33.00
CA ILE A 532 8.52 14.62 32.04
C ILE A 532 7.90 13.33 31.51
N ARG A 533 8.74 12.37 31.14
CA ARG A 533 8.24 11.06 30.73
C ARG A 533 7.64 10.30 31.91
N ALA A 534 8.08 10.62 33.13
CA ALA A 534 7.58 9.90 34.30
C ALA A 534 6.08 10.13 34.49
N ILE A 535 5.61 11.36 34.27
CA ILE A 535 4.21 11.68 34.48
C ILE A 535 3.37 11.52 33.21
N LEU A 536 3.98 11.51 32.04
CA LEU A 536 3.26 11.43 30.78
C LEU A 536 2.82 10.01 30.44
N GLU A 537 3.19 9.02 31.24
CA GLU A 537 2.75 7.65 31.00
C GLU A 537 1.67 7.19 31.97
N ILE A 538 1.24 8.05 32.90
CA ILE A 538 0.10 7.76 33.76
C ILE A 538 -1.09 8.66 33.43
N ILE A 539 -0.84 9.94 33.13
CA ILE A 539 -1.91 10.82 32.69
C ILE A 539 -2.52 10.30 31.39
N VAL A 540 -1.66 9.92 30.45
CA VAL A 540 -2.13 9.32 29.21
C VAL A 540 -2.76 7.96 29.48
N GLY A 541 -2.24 7.21 30.44
CA GLY A 541 -2.78 5.90 30.75
C GLY A 541 -4.12 5.92 31.45
N GLY A 542 -4.60 7.10 31.86
CA GLY A 542 -5.86 7.21 32.55
C GLY A 542 -5.82 6.88 34.02
N VAL A 543 -4.65 6.57 34.57
CA VAL A 543 -4.54 6.22 35.98
C VAL A 543 -4.60 7.46 36.86
N ALA A 544 -3.64 8.38 36.66
CA ALA A 544 -3.58 9.62 37.42
C ALA A 544 -4.24 10.72 36.60
N SER A 545 -5.39 11.22 37.10
CA SER A 545 -6.16 12.24 36.40
C SER A 545 -6.18 13.56 37.16
N THR A 546 -6.60 13.55 38.41
CA THR A 546 -6.73 14.79 39.18
C THR A 546 -5.37 15.20 39.73
N SER A 547 -5.13 16.52 39.77
CA SER A 547 -3.85 17.04 40.25
C SER A 547 -3.63 16.70 41.72
N GLN A 548 -4.70 16.73 42.52
CA GLN A 548 -4.57 16.30 43.91
C GLN A 548 -4.17 14.84 44.00
N ASP A 549 -4.78 13.99 43.17
CA ASP A 549 -4.35 12.60 43.10
C ASP A 549 -2.97 12.47 42.48
N MET A 550 -2.63 13.38 41.56
CA MET A 550 -1.30 13.33 40.94
C MET A 550 -0.19 13.53 41.97
N HIS A 551 -0.48 14.28 43.03
CA HIS A 551 0.53 14.49 44.07
C HIS A 551 0.78 13.23 44.89
N THR A 552 -0.21 12.33 44.95
CA THR A 552 0.00 11.06 45.64
C THR A 552 1.04 10.21 44.92
N TYR A 553 1.03 10.21 43.59
CA TYR A 553 1.95 9.38 42.83
C TYR A 553 3.41 9.77 43.11
N ALA A 554 3.70 11.07 43.10
CA ALA A 554 5.07 11.52 43.31
C ALA A 554 5.51 11.36 44.75
N ALA A 555 4.59 11.11 45.67
CA ALA A 555 4.95 10.95 47.08
C ALA A 555 5.48 9.55 47.39
N CYS A 556 5.28 8.59 46.49
CA CYS A 556 5.77 7.23 46.69
C CYS A 556 6.96 6.88 45.81
N THR A 557 7.45 7.82 45.02
CA THR A 557 8.62 7.56 44.18
C THR A 557 9.87 7.45 45.03
N PHE A 558 10.96 6.95 44.41
CA PHE A 558 12.21 6.78 45.14
C PHE A 558 12.82 8.11 45.55
N LEU A 559 12.52 9.20 44.85
CA LEU A 559 13.01 10.51 45.27
C LEU A 559 12.43 10.91 46.62
N ALA A 560 11.24 10.40 46.97
CA ALA A 560 10.68 10.69 48.27
C ALA A 560 11.52 10.10 49.40
N ALA A 561 11.99 8.86 49.23
CA ALA A 561 12.80 8.23 50.26
C ALA A 561 14.21 8.79 50.34
N SER A 562 14.62 9.60 49.37
CA SER A 562 15.96 10.17 49.33
C SER A 562 16.02 11.57 49.93
N MET A 563 14.95 12.02 50.58
CA MET A 563 14.90 13.36 51.16
C MET A 563 15.96 13.57 52.22
N GLY A 580 6.12 22.47 44.08
CA GLY A 580 7.48 22.25 43.64
C GLY A 580 7.61 22.12 42.14
N ALA A 581 8.65 21.42 41.69
CA ALA A 581 8.87 21.21 40.26
C ALA A 581 7.87 20.25 39.65
N ILE A 582 7.08 19.54 40.47
CA ILE A 582 6.07 18.64 39.93
C ILE A 582 4.95 19.42 39.25
N GLU A 583 4.58 20.58 39.82
CA GLU A 583 3.51 21.38 39.23
C GLU A 583 3.91 21.93 37.87
N ALA A 584 5.18 22.31 37.71
CA ALA A 584 5.67 22.82 36.44
C ALA A 584 5.83 21.73 35.40
N CYS A 585 5.72 20.45 35.79
CA CYS A 585 5.85 19.37 34.82
C CYS A 585 4.73 19.41 33.79
N VAL A 586 3.50 19.68 34.22
CA VAL A 586 2.39 19.77 33.28
C VAL A 586 2.39 21.08 32.51
N MET A 587 3.15 22.08 32.96
CA MET A 587 3.25 23.33 32.21
C MET A 587 3.93 23.08 30.86
N TRP A 588 4.98 22.27 30.84
CA TRP A 588 5.65 21.92 29.59
C TRP A 588 4.77 21.05 28.72
N LEU A 589 3.86 20.28 29.32
CA LEU A 589 2.93 19.44 28.56
C LEU A 589 1.74 20.22 28.04
N LEU A 590 1.60 21.49 28.40
CA LEU A 590 0.56 22.36 27.87
C LEU A 590 1.07 23.29 26.79
N GLU A 591 2.26 23.88 26.99
CA GLU A 591 2.86 24.69 25.94
C GLU A 591 3.17 23.85 24.72
N ASN A 592 3.70 22.65 24.93
CA ASN A 592 3.88 21.66 23.86
C ASN A 592 2.73 20.66 23.95
N GLU A 593 1.99 20.52 22.86
CA GLU A 593 0.72 19.79 22.89
C GLU A 593 0.98 18.32 23.23
N PHE A 594 0.64 17.93 24.46
CA PHE A 594 0.74 16.53 24.86
C PHE A 594 -0.44 16.05 25.69
N ILE A 595 -1.29 16.93 26.22
CA ILE A 595 -2.39 16.51 27.08
C ILE A 595 -3.48 17.57 27.01
N GLN A 596 -4.71 17.17 27.32
CA GLN A 596 -5.84 18.10 27.37
C GLN A 596 -7.00 17.48 28.15
N VAL A 608 -9.34 18.10 35.53
CA VAL A 608 -9.18 16.77 34.97
C VAL A 608 -8.33 16.83 33.71
N TYR A 609 -7.55 15.78 33.47
CA TYR A 609 -6.68 15.69 32.31
C TYR A 609 -6.95 14.43 31.52
N HIS A 610 -7.05 14.57 30.21
CA HIS A 610 -7.36 13.47 29.31
C HIS A 610 -6.29 13.38 28.22
N PRO A 611 -6.01 12.18 27.72
CA PRO A 611 -5.00 12.02 26.67
C PRO A 611 -5.47 12.62 25.35
N THR A 612 -4.49 12.90 24.49
CA THR A 612 -4.72 13.44 23.16
C THR A 612 -4.14 12.48 22.11
N HIS A 613 -4.16 12.92 20.85
CA HIS A 613 -3.64 12.07 19.78
C HIS A 613 -2.13 12.02 19.78
N LEU A 614 -1.47 13.17 19.93
CA LEU A 614 -0.01 13.19 19.96
C LEU A 614 0.54 12.55 21.22
N GLY A 615 -0.10 12.81 22.36
CA GLY A 615 0.37 12.22 23.61
C GLY A 615 0.27 10.70 23.59
N SER A 616 -0.81 10.17 23.04
CA SER A 616 -0.95 8.72 22.92
C SER A 616 0.04 8.14 21.91
N ALA A 617 0.34 8.89 20.85
CA ALA A 617 1.21 8.38 19.80
C ALA A 617 2.65 8.17 20.30
N THR A 618 3.12 9.04 21.20
CA THR A 618 4.47 8.92 21.72
C THR A 618 4.67 7.61 22.47
N LEU A 619 3.69 7.22 23.29
CA LEU A 619 3.85 6.05 24.14
C LEU A 619 3.80 4.75 23.32
N SER A 620 2.99 4.73 22.27
CA SER A 620 2.88 3.51 21.46
C SER A 620 4.20 3.22 20.75
N SER A 621 4.88 4.25 20.26
CA SER A 621 6.15 4.07 19.57
C SER A 621 7.30 3.74 20.52
N SER A 622 7.14 4.00 21.82
CA SER A 622 8.16 3.72 22.83
C SER A 622 9.43 4.54 22.58
N LEU A 623 9.26 5.86 22.53
CA LEU A 623 10.38 6.78 22.44
C LEU A 623 10.10 7.97 23.33
N SER A 624 11.16 8.60 23.81
CA SER A 624 11.03 9.65 24.81
C SER A 624 10.35 10.88 24.22
N PRO A 625 9.63 11.66 25.04
CA PRO A 625 8.97 12.87 24.52
C PRO A 625 9.93 13.89 23.94
N ALA A 626 11.21 13.86 24.32
CA ALA A 626 12.17 14.77 23.73
C ALA A 626 12.35 14.50 22.24
N ASP A 627 12.36 13.21 21.86
CA ASP A 627 12.55 12.84 20.47
C ASP A 627 11.31 13.06 19.60
N THR A 628 10.11 13.00 20.18
CA THR A 628 8.89 13.15 19.39
C THR A 628 8.87 14.50 18.70
N LEU A 629 9.29 15.56 19.38
CA LEU A 629 9.26 16.89 18.81
C LEU A 629 10.16 17.01 17.57
N ASP A 630 11.10 16.09 17.40
CA ASP A 630 11.94 16.05 16.20
C ASP A 630 11.30 15.21 15.10
N ILE A 631 10.82 14.01 15.44
CA ILE A 631 10.21 13.14 14.45
C ILE A 631 8.91 13.74 13.94
N PHE A 632 8.16 14.43 14.82
CA PHE A 632 6.91 15.04 14.39
C PHE A 632 7.13 16.11 13.33
N ALA A 633 8.15 16.94 13.51
CA ALA A 633 8.43 17.99 12.54
C ALA A 633 8.92 17.41 11.22
N ASP A 634 9.55 16.23 11.26
CA ASP A 634 10.02 15.60 10.03
C ASP A 634 8.85 15.17 9.14
N LEU A 635 7.80 14.61 9.74
CA LEU A 635 6.68 14.09 8.96
C LEU A 635 5.73 15.19 8.48
N GLN A 636 5.60 16.28 9.24
CA GLN A 636 4.72 17.37 8.82
C GLN A 636 5.24 18.02 7.54
N ARG A 637 6.55 18.23 7.44
CA ARG A 637 7.12 18.85 6.24
C ARG A 637 7.04 17.92 5.04
N ALA A 638 7.02 16.60 5.27
CA ALA A 638 7.07 15.66 4.16
C ALA A 638 5.80 15.68 3.32
N MET A 639 4.65 15.92 3.94
CA MET A 639 3.38 15.85 3.23
C MET A 639 3.21 16.92 2.16
N LYS A 640 4.05 17.95 2.16
CA LYS A 640 3.97 19.01 1.16
C LYS A 640 5.03 18.78 0.08
N GLY A 641 4.74 17.86 -0.82
CA GLY A 641 5.63 17.61 -1.96
C GLY A 641 6.58 16.44 -1.81
N PHE A 642 6.04 15.28 -1.44
CA PHE A 642 6.84 14.05 -1.37
C PHE A 642 7.33 13.65 -2.75
N VAL A 643 8.57 13.16 -2.82
CA VAL A 643 9.19 12.71 -4.07
C VAL A 643 9.10 11.20 -4.14
N LEU A 644 8.54 10.68 -5.23
CA LEU A 644 8.17 9.28 -5.32
C LEU A 644 9.01 8.47 -6.29
N GLU A 645 9.92 9.10 -7.05
CA GLU A 645 10.65 8.35 -8.07
C GLU A 645 11.75 7.49 -7.47
N ASN A 646 12.74 8.11 -6.84
CA ASN A 646 13.84 7.38 -6.22
C ASN A 646 13.44 6.96 -4.81
N ASP A 647 14.40 6.49 -4.02
CA ASP A 647 14.14 6.05 -2.66
C ASP A 647 14.92 6.85 -1.63
N LEU A 648 15.43 8.02 -2.00
CA LEU A 648 16.17 8.83 -1.04
C LEU A 648 15.25 9.55 -0.06
N HIS A 649 14.03 9.91 -0.48
CA HIS A 649 13.13 10.62 0.42
C HIS A 649 12.56 9.70 1.50
N ILE A 650 12.25 8.46 1.14
CA ILE A 650 11.78 7.51 2.15
C ILE A 650 12.91 7.13 3.09
N LEU A 651 14.15 7.11 2.59
CA LEU A 651 15.29 6.78 3.43
C LEU A 651 15.49 7.80 4.54
N TYR A 652 15.31 9.09 4.22
CA TYR A 652 15.61 10.15 5.19
C TYR A 652 14.70 10.05 6.41
N LEU A 653 13.43 9.72 6.22
CA LEU A 653 12.49 9.59 7.32
C LEU A 653 12.62 8.27 8.07
N VAL A 654 13.64 7.48 7.76
CA VAL A 654 13.83 6.16 8.35
C VAL A 654 15.10 6.09 9.19
N THR A 655 16.19 6.70 8.73
CA THR A 655 17.47 6.55 9.38
C THR A 655 17.41 7.10 10.81
N PRO A 656 17.98 6.39 11.78
CA PRO A 656 18.06 6.93 13.14
C PRO A 656 18.94 8.17 13.18
N MET A 657 18.70 9.02 14.18
CA MET A 657 19.17 10.41 14.11
C MET A 657 20.69 10.47 13.98
N PHE A 658 21.42 10.20 15.06
CA PHE A 658 22.84 9.89 14.89
C PHE A 658 23.31 8.75 15.77
N GLU A 659 22.87 8.75 17.04
CA GLU A 659 23.34 7.83 18.07
C GLU A 659 24.87 7.85 18.23
N ASP A 660 25.53 8.89 17.73
CA ASP A 660 26.98 9.02 17.76
C ASP A 660 27.67 7.76 17.22
N TRP A 661 27.23 7.33 16.03
CA TRP A 661 27.74 6.09 15.46
C TRP A 661 29.17 6.23 14.97
N THR A 662 29.53 7.39 14.42
CA THR A 662 30.83 7.58 13.81
C THR A 662 31.09 9.07 13.66
N THR A 663 32.34 9.48 13.89
CA THR A 663 32.71 10.87 13.65
C THR A 663 32.49 11.22 12.18
N ILE A 664 31.92 12.40 11.94
CA ILE A 664 31.65 12.85 10.58
C ILE A 664 32.89 13.49 10.01
N ASP A 665 33.34 12.99 8.87
CA ASP A 665 34.55 13.49 8.21
C ASP A 665 34.16 14.60 7.25
N TRP A 666 34.51 15.83 7.59
CA TRP A 666 34.28 16.95 6.70
C TRP A 666 35.27 16.90 5.53
N TYR A 667 34.98 17.70 4.51
CA TYR A 667 35.73 17.80 3.26
C TYR A 667 35.64 16.54 2.42
N ARG A 668 34.98 15.49 2.92
CA ARG A 668 34.65 14.31 2.13
C ARG A 668 33.21 14.32 1.66
N PHE A 669 32.31 14.93 2.44
CA PHE A 669 30.91 15.02 2.02
C PHE A 669 30.76 15.86 0.76
N PHE A 670 31.49 16.98 0.68
CA PHE A 670 31.38 17.84 -0.49
C PHE A 670 31.80 17.10 -1.76
N CYS A 671 32.88 16.32 -1.68
CA CYS A 671 33.26 15.49 -2.82
C CYS A 671 32.19 14.45 -3.12
N LEU A 672 31.61 13.86 -2.08
CA LEU A 672 30.56 12.86 -2.29
C LEU A 672 29.25 13.51 -2.71
N TRP A 673 28.89 14.63 -2.07
CA TRP A 673 27.57 15.23 -2.35
C TRP A 673 27.52 15.85 -3.73
N GLU A 674 28.55 16.58 -4.13
CA GLU A 674 28.51 17.26 -5.42
C GLU A 674 28.90 16.30 -6.54
N LYS A 675 28.37 15.09 -6.50
CA LYS A 675 28.39 14.19 -7.65
C LYS A 675 27.11 13.39 -7.79
N LEU A 676 26.11 13.62 -6.95
CA LEU A 676 24.90 12.83 -6.97
C LEU A 676 24.07 13.13 -8.22
N PRO A 677 23.23 12.20 -8.65
CA PRO A 677 22.38 12.46 -9.81
C PRO A 677 21.39 13.58 -9.53
N THR A 678 20.80 14.09 -10.62
CA THR A 678 19.83 15.17 -10.49
C THR A 678 18.59 14.72 -9.71
N SER A 679 18.28 13.43 -9.73
CA SER A 679 17.11 12.94 -9.01
C SER A 679 17.35 12.87 -7.51
N MET A 680 18.60 12.81 -7.06
CA MET A 680 18.89 12.71 -5.64
C MET A 680 19.16 14.05 -4.98
N LYS A 681 19.76 14.99 -5.72
CA LYS A 681 20.01 16.31 -5.15
C LYS A 681 18.73 17.04 -4.82
N ARG A 682 17.67 16.82 -5.60
CA ARG A 682 16.40 17.51 -5.37
C ARG A 682 15.73 17.03 -4.08
N VAL A 683 15.91 15.77 -3.72
CA VAL A 683 15.35 15.27 -2.47
C VAL A 683 16.01 15.92 -1.27
N ALA A 684 17.33 16.13 -1.34
CA ALA A 684 18.06 16.70 -0.22
C ALA A 684 17.58 18.12 0.08
N GLU A 685 17.32 18.91 -0.96
CA GLU A 685 16.84 20.27 -0.76
C GLU A 685 15.42 20.32 -0.24
N LEU A 686 14.67 19.22 -0.35
CA LEU A 686 13.28 19.18 0.08
C LEU A 686 13.11 18.68 1.51
N VAL A 687 14.20 18.32 2.21
CA VAL A 687 14.11 17.82 3.57
C VAL A 687 14.83 18.70 4.57
N GLY A 688 15.63 19.66 4.13
CA GLY A 688 16.31 20.55 5.05
C GLY A 688 17.77 20.76 4.71
N VAL A 689 18.39 19.76 4.08
CA VAL A 689 19.80 19.88 3.72
C VAL A 689 19.98 21.00 2.71
N GLU A 690 20.96 21.85 2.95
CA GLU A 690 21.24 22.97 2.06
C GLU A 690 22.72 23.30 2.10
N GLU A 691 23.22 23.85 0.99
CA GLU A 691 24.63 24.25 0.89
C GLU A 691 24.84 25.60 1.56
N GLY A 692 24.50 25.65 2.85
CA GLY A 692 24.67 26.86 3.63
C GLY A 692 25.36 26.58 4.95
N PHE A 693 25.48 25.30 5.30
CA PHE A 693 26.13 24.87 6.53
C PHE A 693 27.28 23.90 6.30
N LEU A 694 27.19 23.02 5.31
CA LEU A 694 28.24 22.04 5.06
C LEU A 694 29.52 22.75 4.65
N ALA A 695 30.60 22.49 5.38
CA ALA A 695 31.94 23.00 5.13
C ALA A 695 32.01 24.53 5.12
N ARG A 696 30.94 25.20 5.52
CA ARG A 696 30.88 26.66 5.54
C ARG A 696 31.18 27.25 6.91
N CYS A 697 31.51 26.41 7.89
CA CYS A 697 31.79 26.87 9.24
C CYS A 697 33.19 26.47 9.68
N GLN A 709 21.96 25.91 15.41
CA GLN A 709 20.65 25.52 15.91
C GLN A 709 20.51 24.00 15.87
N HIS A 710 19.89 23.45 16.93
CA HIS A 710 19.73 21.99 17.01
C HIS A 710 18.84 21.47 15.90
N ARG A 711 17.76 22.18 15.59
CA ARG A 711 16.86 21.74 14.52
C ARG A 711 17.58 21.74 13.18
N GLN A 712 18.35 22.80 12.90
CA GLN A 712 19.12 22.85 11.66
C GLN A 712 20.25 21.84 11.65
N MET A 713 20.81 21.53 12.83
CA MET A 713 21.88 20.54 12.91
C MET A 713 21.34 19.12 12.80
N ALA A 714 20.10 18.89 13.25
CA ALA A 714 19.53 17.55 13.21
C ALA A 714 19.11 17.13 11.81
N ILE A 715 18.77 18.08 10.94
CA ILE A 715 18.37 17.74 9.58
C ILE A 715 19.55 17.58 8.63
N HIS A 716 20.73 18.08 9.00
CA HIS A 716 21.95 17.91 8.22
C HIS A 716 22.78 16.72 8.67
N LYS A 717 22.81 16.44 9.98
CA LYS A 717 23.53 15.28 10.48
C LYS A 717 22.84 13.97 10.12
N ARG A 718 21.56 14.03 9.76
CA ARG A 718 20.83 12.84 9.34
C ARG A 718 21.07 12.50 7.88
N PHE A 719 21.60 13.43 7.08
CA PHE A 719 21.79 13.15 5.66
C PHE A 719 22.96 12.21 5.43
N PHE A 720 24.05 12.38 6.17
CA PHE A 720 25.22 11.50 6.00
C PHE A 720 24.87 10.06 6.30
N THR A 721 24.11 9.83 7.37
CA THR A 721 23.69 8.47 7.72
C THR A 721 22.76 7.88 6.67
N SER A 722 22.00 8.73 5.98
CA SER A 722 21.09 8.25 4.95
C SER A 722 21.81 7.83 3.68
N LEU A 723 22.91 8.51 3.35
CA LEU A 723 23.64 8.18 2.12
C LEU A 723 24.40 6.87 2.25
N VAL A 724 24.82 6.49 3.47
CA VAL A 724 25.51 5.22 3.66
C VAL A 724 24.58 4.06 3.34
N LEU A 725 23.33 4.14 3.80
CA LEU A 725 22.35 3.11 3.49
C LEU A 725 21.94 3.10 2.03
N LEU A 726 22.21 4.18 1.28
CA LEU A 726 21.88 4.20 -0.13
C LEU A 726 22.69 3.16 -0.91
N ASP A 727 23.96 3.00 -0.55
CA ASP A 727 24.79 1.98 -1.20
C ASP A 727 24.59 0.59 -0.61
N LEU A 728 23.96 0.48 0.56
CA LEU A 728 23.63 -0.84 1.08
C LEU A 728 22.46 -1.47 0.34
N ILE A 729 21.48 -0.64 -0.05
CA ILE A 729 20.30 -1.16 -0.73
C ILE A 729 20.52 -1.36 -2.22
N SER A 730 21.61 -0.82 -2.77
CA SER A 730 21.95 -1.00 -4.18
C SER A 730 22.94 -2.15 -4.39
N GLU A 731 23.18 -2.96 -3.37
CA GLU A 731 24.02 -4.15 -3.46
C GLU A 731 25.45 -3.81 -3.90
N VAL A 732 25.95 -2.69 -3.43
CA VAL A 732 27.36 -2.35 -3.65
C VAL A 732 28.21 -3.15 -2.68
N PRO A 733 29.29 -3.80 -3.14
CA PRO A 733 30.12 -4.60 -2.23
C PRO A 733 30.70 -3.76 -1.10
N LEU A 734 30.81 -4.40 0.07
CA LEU A 734 31.25 -3.70 1.29
C LEU A 734 32.68 -3.21 1.19
N ARG A 735 33.47 -3.73 0.25
CA ARG A 735 34.88 -3.37 0.17
C ARG A 735 35.07 -1.89 -0.13
N GLU A 736 34.25 -1.33 -1.04
CA GLU A 736 34.44 0.05 -1.46
C GLU A 736 33.69 1.06 -0.59
N ILE A 737 32.54 0.67 -0.02
CA ILE A 737 31.73 1.62 0.72
C ILE A 737 32.44 2.08 1.99
N ASN A 738 33.19 1.19 2.63
CA ASN A 738 33.88 1.55 3.86
C ASN A 738 35.10 2.44 3.61
N GLN A 739 35.54 2.56 2.34
CA GLN A 739 36.65 3.43 1.99
C GLN A 739 36.20 4.74 1.37
N LYS A 740 35.18 4.70 0.50
CA LYS A 740 34.68 5.93 -0.11
C LYS A 740 34.10 6.85 0.95
N TYR A 741 33.30 6.31 1.87
CA TYR A 741 32.73 7.12 2.94
C TYR A 741 33.74 7.42 4.03
N GLY A 742 34.82 6.64 4.13
CA GLY A 742 35.78 6.85 5.17
C GLY A 742 35.34 6.43 6.55
N CYS A 743 34.31 5.59 6.64
CA CYS A 743 33.79 5.10 7.92
C CYS A 743 34.40 3.75 8.24
N ASN A 744 34.52 3.47 9.54
CA ASN A 744 35.17 2.24 9.97
C ASN A 744 34.36 1.02 9.53
N ARG A 745 35.09 -0.07 9.30
CA ARG A 745 34.45 -1.30 8.83
C ARG A 745 33.58 -1.93 9.91
N GLY A 746 33.93 -1.72 11.18
CA GLY A 746 33.14 -2.26 12.28
C GLY A 746 31.91 -1.45 12.65
N GLN A 747 31.74 -0.28 12.05
CA GLN A 747 30.57 0.55 12.30
C GLN A 747 29.52 0.46 11.20
N ILE A 748 29.91 0.08 9.98
CA ILE A 748 28.96 -0.02 8.89
C ILE A 748 27.94 -1.12 9.16
N GLN A 749 28.40 -2.27 9.64
CA GLN A 749 27.50 -3.37 9.94
C GLN A 749 26.69 -3.14 11.20
N SER A 750 26.97 -2.09 11.96
CA SER A 750 26.15 -1.73 13.12
C SER A 750 25.02 -0.79 12.77
N LEU A 751 25.07 -0.13 11.61
CA LEU A 751 23.98 0.74 11.17
C LEU A 751 22.81 -0.06 10.62
N GLN A 752 23.06 -1.20 9.98
CA GLN A 752 21.98 -1.98 9.39
C GLN A 752 21.00 -2.47 10.44
N GLN A 753 21.50 -2.92 11.59
CA GLN A 753 20.61 -3.35 12.66
C GLN A 753 19.81 -2.18 13.23
N SER A 754 20.45 -1.01 13.34
CA SER A 754 19.78 0.15 13.93
C SER A 754 18.90 0.89 12.93
N ALA A 755 18.91 0.50 11.66
CA ALA A 755 18.06 1.13 10.66
C ALA A 755 16.75 0.39 10.46
N ALA A 756 16.74 -0.93 10.60
CA ALA A 756 15.50 -1.68 10.49
C ALA A 756 14.59 -1.44 11.68
N VAL A 757 15.16 -1.12 12.84
CA VAL A 757 14.35 -0.84 14.02
C VAL A 757 13.63 0.49 13.87
N TYR A 758 14.34 1.52 13.40
CA TYR A 758 13.74 2.84 13.29
C TYR A 758 12.71 2.91 12.17
N ALA A 759 12.85 2.06 11.15
CA ALA A 759 11.87 2.06 10.06
C ALA A 759 10.49 1.62 10.54
N GLY A 760 10.44 0.61 11.40
CA GLY A 760 9.18 0.10 11.90
C GLY A 760 8.56 0.89 13.03
N MET A 761 9.23 1.93 13.51
CA MET A 761 8.69 2.76 14.57
C MET A 761 7.90 3.95 14.05
N ILE A 762 8.24 4.45 12.86
CA ILE A 762 7.58 5.64 12.33
C ILE A 762 6.21 5.30 11.74
N THR A 763 6.02 4.07 11.26
CA THR A 763 4.69 3.67 10.80
C THR A 763 3.69 3.64 11.95
N VAL A 764 4.12 3.17 13.12
CA VAL A 764 3.26 3.18 14.29
C VAL A 764 2.98 4.60 14.76
N PHE A 765 3.95 5.50 14.61
CA PHE A 765 3.75 6.89 15.01
C PHE A 765 2.62 7.54 14.23
N SER A 766 2.38 7.11 12.99
CA SER A 766 1.28 7.63 12.20
C SER A 766 -0.01 6.86 12.38
N ASN A 767 0.07 5.58 12.78
CA ASN A 767 -1.13 4.80 13.02
C ASN A 767 -1.94 5.38 14.18
N ARG A 768 -1.29 5.59 15.32
CA ARG A 768 -1.98 6.09 16.50
C ARG A 768 -2.36 7.55 16.38
N LEU A 769 -1.87 8.23 15.35
CA LEU A 769 -2.25 9.60 15.04
C LEU A 769 -3.28 9.67 13.92
N GLY A 770 -3.15 8.79 12.93
CA GLY A 770 -4.09 8.71 11.82
C GLY A 770 -3.54 9.38 10.58
N TRP A 771 -2.96 8.59 9.69
CA TRP A 771 -2.42 9.09 8.42
C TRP A 771 -2.35 7.88 7.48
N HIS A 772 -3.36 7.77 6.60
CA HIS A 772 -3.48 6.57 5.78
C HIS A 772 -2.47 6.53 4.64
N ASN A 773 -2.20 7.69 4.02
CA ASN A 773 -1.33 7.70 2.85
C ASN A 773 0.13 7.49 3.24
N MET A 774 0.59 8.14 4.31
CA MET A 774 1.99 8.02 4.70
C MET A 774 2.33 6.63 5.23
N GLU A 775 1.35 5.89 5.74
CA GLU A 775 1.60 4.52 6.19
C GLU A 775 2.05 3.63 5.03
N LEU A 776 1.37 3.73 3.89
CA LEU A 776 1.64 2.83 2.78
C LEU A 776 3.06 3.01 2.25
N LEU A 777 3.51 4.25 2.11
CA LEU A 777 4.85 4.49 1.59
C LEU A 777 5.92 3.98 2.55
N LEU A 778 5.73 4.19 3.85
CA LEU A 778 6.73 3.76 4.83
C LEU A 778 6.68 2.25 5.05
N SER A 779 5.49 1.67 5.08
CA SER A 779 5.38 0.25 5.40
C SER A 779 5.81 -0.64 4.25
N GLN A 780 5.63 -0.20 3.00
CA GLN A 780 6.00 -1.04 1.86
C GLN A 780 7.50 -1.09 1.64
N PHE A 781 8.28 -0.24 2.32
CA PHE A 781 9.72 -0.22 2.13
C PHE A 781 10.51 -0.78 3.29
N GLN A 782 9.92 -0.83 4.50
CA GLN A 782 10.67 -1.24 5.68
C GLN A 782 11.28 -2.64 5.52
N LYS A 783 10.68 -3.48 4.67
CA LYS A 783 11.26 -4.79 4.40
C LYS A 783 12.45 -4.71 3.45
N ARG A 784 12.43 -3.79 2.49
CA ARG A 784 13.51 -3.67 1.53
C ARG A 784 14.81 -3.24 2.21
N LEU A 785 14.71 -2.30 3.15
CA LEU A 785 15.91 -1.82 3.84
C LEU A 785 16.56 -2.92 4.67
N THR A 786 15.77 -3.86 5.18
CA THR A 786 16.34 -4.97 5.94
C THR A 786 17.26 -5.81 5.07
N PHE A 787 16.86 -6.07 3.83
CA PHE A 787 17.70 -6.81 2.90
C PHE A 787 18.81 -5.92 2.36
N GLY A 788 20.01 -6.48 2.24
CA GLY A 788 21.15 -5.73 1.74
C GLY A 788 21.71 -4.76 2.76
N LYS C 68 -41.35 -26.72 -42.26
CA LYS C 68 -40.76 -25.75 -43.17
C LYS C 68 -40.63 -24.40 -42.46
N LEU C 69 -41.72 -23.66 -42.40
CA LEU C 69 -41.73 -22.31 -41.84
C LEU C 69 -42.14 -22.33 -40.37
N LEU C 70 -41.34 -23.02 -39.57
CA LEU C 70 -41.58 -23.12 -38.13
C LEU C 70 -40.30 -23.63 -37.48
N LEU C 71 -39.85 -22.96 -36.43
CA LEU C 71 -38.54 -23.26 -35.85
C LEU C 71 -38.52 -24.62 -35.16
N ALA C 72 -39.66 -25.09 -34.65
CA ALA C 72 -39.67 -26.38 -33.97
C ALA C 72 -39.38 -27.53 -34.93
N ASN C 73 -39.70 -27.36 -36.21
CA ASN C 73 -39.36 -28.38 -37.20
C ASN C 73 -37.85 -28.54 -37.33
N TRP C 74 -37.12 -27.43 -37.28
CA TRP C 74 -35.67 -27.47 -37.40
C TRP C 74 -35.05 -28.12 -36.17
N GLY C 75 -33.82 -28.61 -36.34
CA GLY C 75 -33.12 -29.25 -35.26
C GLY C 75 -32.50 -28.27 -34.28
N LEU C 76 -33.03 -28.25 -33.05
CA LEU C 76 -32.53 -27.37 -32.01
C LEU C 76 -32.92 -27.96 -30.67
N PRO C 77 -32.21 -27.62 -29.60
CA PRO C 77 -32.55 -28.16 -28.28
C PRO C 77 -33.97 -27.77 -27.86
N LYS C 78 -34.65 -28.71 -27.20
CA LYS C 78 -36.05 -28.51 -26.84
C LYS C 78 -36.21 -27.35 -25.86
N ALA C 79 -35.33 -27.26 -24.86
CA ALA C 79 -35.47 -26.23 -23.84
C ALA C 79 -35.43 -24.83 -24.44
N VAL C 80 -34.65 -24.63 -25.50
CA VAL C 80 -34.60 -23.32 -26.15
C VAL C 80 -35.96 -22.95 -26.71
N LEU C 81 -36.63 -23.92 -27.35
CA LEU C 81 -37.92 -23.60 -27.95
C LEU C 81 -39.03 -23.49 -26.89
N GLU C 82 -38.91 -24.22 -25.78
CA GLU C 82 -39.81 -23.97 -24.65
C GLU C 82 -39.64 -22.55 -24.12
N LYS C 83 -38.39 -22.09 -23.98
CA LYS C 83 -38.14 -20.74 -23.50
C LYS C 83 -38.64 -19.71 -24.49
N TYR C 84 -38.47 -19.95 -25.78
CA TYR C 84 -38.95 -19.03 -26.80
C TYR C 84 -40.47 -18.94 -26.79
N HIS C 85 -41.15 -20.09 -26.84
CA HIS C 85 -42.61 -20.08 -26.92
C HIS C 85 -43.25 -19.63 -25.61
N SER C 86 -42.57 -19.80 -24.48
CA SER C 86 -43.09 -19.29 -23.22
C SER C 86 -43.21 -17.77 -23.25
N PHE C 87 -42.21 -17.10 -23.83
CA PHE C 87 -42.29 -15.65 -23.97
C PHE C 87 -43.42 -15.23 -24.91
N GLY C 88 -43.62 -15.99 -25.99
CA GLY C 88 -44.66 -15.68 -26.95
C GLY C 88 -44.16 -15.75 -28.38
N VAL C 89 -42.93 -16.24 -28.55
CA VAL C 89 -42.36 -16.38 -29.88
C VAL C 89 -43.11 -17.46 -30.66
N LYS C 90 -43.20 -17.27 -31.97
CA LYS C 90 -43.98 -18.16 -32.83
C LYS C 90 -43.18 -18.54 -34.06
N LYS C 91 -43.84 -19.11 -35.06
CA LYS C 91 -43.16 -19.58 -36.26
C LYS C 91 -42.36 -18.45 -36.91
N MET C 92 -41.15 -18.79 -37.35
CA MET C 92 -40.27 -17.83 -38.00
C MET C 92 -40.80 -17.46 -39.38
N PHE C 93 -40.38 -16.29 -39.86
CA PHE C 93 -40.84 -15.78 -41.15
C PHE C 93 -39.97 -16.39 -42.26
N GLU C 94 -40.13 -15.87 -43.49
CA GLU C 94 -39.43 -16.44 -44.63
C GLU C 94 -37.96 -16.01 -44.67
N TRP C 95 -37.64 -14.81 -44.18
CA TRP C 95 -36.29 -14.30 -44.34
C TRP C 95 -35.29 -15.12 -43.53
N GLN C 96 -35.72 -15.67 -42.39
CA GLN C 96 -34.83 -16.53 -41.62
C GLN C 96 -34.47 -17.79 -42.41
N ALA C 97 -35.46 -18.41 -43.04
CA ALA C 97 -35.20 -19.59 -43.87
C ALA C 97 -34.29 -19.24 -45.04
N GLU C 98 -34.52 -18.10 -45.68
CA GLU C 98 -33.68 -17.70 -46.81
C GLU C 98 -32.24 -17.44 -46.35
N CYS C 99 -32.07 -16.81 -45.19
CA CYS C 99 -30.72 -16.57 -44.66
C CYS C 99 -30.01 -17.88 -44.37
N LEU C 100 -30.70 -18.82 -43.72
CA LEU C 100 -30.05 -20.06 -43.32
C LEU C 100 -29.87 -21.03 -44.48
N LEU C 101 -30.61 -20.88 -45.57
CA LEU C 101 -30.53 -21.79 -46.70
C LEU C 101 -29.89 -21.12 -47.92
N LEU C 102 -28.86 -20.31 -47.69
CA LEU C 102 -28.15 -19.64 -48.78
C LEU C 102 -27.09 -20.54 -49.42
N GLY C 103 -26.80 -21.71 -48.84
CA GLY C 103 -25.78 -22.59 -49.37
C GLY C 103 -24.88 -23.12 -48.29
N GLN C 104 -23.58 -22.83 -48.39
CA GLN C 104 -22.60 -23.25 -47.40
C GLN C 104 -22.48 -22.29 -46.22
N VAL C 105 -23.51 -21.46 -45.99
CA VAL C 105 -23.48 -20.52 -44.88
C VAL C 105 -23.41 -21.27 -43.55
N LEU C 106 -24.14 -22.38 -43.45
CA LEU C 106 -24.15 -23.16 -42.21
C LEU C 106 -22.76 -23.70 -41.88
N GLU C 107 -21.87 -23.77 -42.86
CA GLU C 107 -20.51 -24.22 -42.64
C GLU C 107 -19.65 -23.04 -42.20
N GLY C 108 -18.33 -23.22 -42.23
CA GLY C 108 -17.41 -22.15 -41.84
C GLY C 108 -17.40 -20.96 -42.76
N LYS C 109 -18.06 -21.04 -43.92
CA LYS C 109 -18.21 -19.88 -44.77
C LYS C 109 -19.00 -18.80 -44.06
N ASN C 110 -18.51 -17.56 -44.12
CA ASN C 110 -19.10 -16.47 -43.35
C ASN C 110 -20.46 -16.09 -43.95
N LEU C 111 -21.14 -15.16 -43.28
CA LEU C 111 -22.48 -14.74 -43.68
C LEU C 111 -22.72 -13.31 -43.28
N VAL C 112 -23.37 -12.54 -44.16
CA VAL C 112 -23.81 -11.18 -43.89
C VAL C 112 -25.26 -11.07 -44.37
N TYR C 113 -26.15 -10.64 -43.48
CA TYR C 113 -27.57 -10.58 -43.80
C TYR C 113 -28.19 -9.32 -43.20
N SER C 114 -29.37 -8.97 -43.71
CA SER C 114 -30.03 -7.70 -43.40
C SER C 114 -31.51 -7.90 -43.09
N ALA C 115 -31.81 -8.87 -42.21
CA ALA C 115 -33.19 -9.12 -41.81
C ALA C 115 -33.78 -7.90 -41.11
N PRO C 116 -35.10 -7.73 -41.15
CA PRO C 116 -35.71 -6.52 -40.57
C PRO C 116 -35.45 -6.39 -39.07
N THR C 117 -35.29 -5.14 -38.63
CA THR C 117 -34.91 -4.89 -37.23
C THR C 117 -36.04 -5.22 -36.26
N SER C 118 -37.28 -4.98 -36.66
CA SER C 118 -38.43 -5.15 -35.77
C SER C 118 -39.12 -6.49 -35.95
N ALA C 119 -38.53 -7.42 -36.68
CA ALA C 119 -39.16 -8.70 -36.99
C ALA C 119 -38.17 -9.84 -36.79
N GLY C 120 -37.46 -9.82 -35.66
CA GLY C 120 -36.55 -10.90 -35.34
C GLY C 120 -35.24 -10.87 -36.10
N LYS C 121 -34.53 -9.73 -36.08
CA LYS C 121 -33.26 -9.63 -36.78
C LYS C 121 -32.21 -10.57 -36.18
N THR C 122 -32.16 -10.67 -34.86
CA THR C 122 -31.11 -11.43 -34.19
C THR C 122 -31.39 -12.93 -34.11
N LEU C 123 -32.55 -13.38 -34.59
CA LEU C 123 -32.89 -14.80 -34.46
C LEU C 123 -31.92 -15.67 -35.24
N VAL C 124 -31.54 -15.23 -36.45
CA VAL C 124 -30.64 -16.04 -37.29
C VAL C 124 -29.28 -16.20 -36.60
N ALA C 125 -28.72 -15.09 -36.10
CA ALA C 125 -27.44 -15.16 -35.42
C ALA C 125 -27.53 -15.97 -34.13
N GLU C 126 -28.64 -15.84 -33.39
CA GLU C 126 -28.80 -16.62 -32.17
C GLU C 126 -28.87 -18.11 -32.47
N LEU C 127 -29.54 -18.49 -33.57
CA LEU C 127 -29.61 -19.90 -33.94
C LEU C 127 -28.25 -20.40 -34.44
N LEU C 128 -27.52 -19.56 -35.17
CA LEU C 128 -26.22 -19.97 -35.70
C LEU C 128 -25.18 -20.12 -34.60
N ILE C 129 -25.25 -19.29 -33.55
CA ILE C 129 -24.22 -19.30 -32.52
C ILE C 129 -24.19 -20.62 -31.75
N LEU C 130 -25.28 -21.37 -31.74
CA LEU C 130 -25.28 -22.64 -31.02
C LEU C 130 -24.50 -23.72 -31.76
N LYS C 131 -24.66 -23.79 -33.08
CA LYS C 131 -24.08 -24.88 -33.85
C LYS C 131 -22.56 -24.90 -33.75
N ARG C 132 -21.92 -23.73 -33.87
CA ARG C 132 -20.47 -23.68 -33.89
C ARG C 132 -19.87 -23.94 -32.50
N VAL C 133 -20.51 -23.42 -31.45
CA VAL C 133 -20.00 -23.65 -30.11
C VAL C 133 -20.36 -25.02 -29.57
N LEU C 134 -21.27 -25.74 -30.22
CA LEU C 134 -21.54 -27.12 -29.84
C LEU C 134 -20.71 -28.12 -30.64
N GLU C 135 -20.49 -27.85 -31.92
CA GLU C 135 -19.70 -28.76 -32.75
C GLU C 135 -18.20 -28.47 -32.60
N MET C 136 -17.77 -27.27 -32.99
CA MET C 136 -16.35 -26.93 -32.88
C MET C 136 -15.93 -26.73 -31.43
N ARG C 137 -16.76 -26.04 -30.65
CA ARG C 137 -16.54 -25.84 -29.22
C ARG C 137 -15.20 -25.17 -28.94
N LYS C 138 -15.05 -23.96 -29.47
CA LYS C 138 -13.88 -23.14 -29.18
C LYS C 138 -14.23 -21.87 -28.42
N LYS C 139 -15.09 -21.01 -28.99
CA LYS C 139 -15.51 -19.76 -28.37
C LYS C 139 -16.49 -19.09 -29.34
N ALA C 140 -17.13 -18.03 -28.86
CA ALA C 140 -17.97 -17.17 -29.71
C ALA C 140 -18.18 -15.85 -28.99
N LEU C 141 -17.68 -14.77 -29.58
CA LEU C 141 -17.90 -13.45 -28.99
C LEU C 141 -19.27 -12.93 -29.39
N PHE C 142 -19.62 -11.75 -28.86
CA PHE C 142 -20.88 -11.09 -29.19
C PHE C 142 -20.70 -9.61 -28.88
N ILE C 143 -20.93 -8.76 -29.88
CA ILE C 143 -20.60 -7.34 -29.79
C ILE C 143 -21.85 -6.52 -30.01
N LEU C 144 -22.13 -5.61 -29.09
CA LEU C 144 -23.26 -4.71 -29.11
C LEU C 144 -22.79 -3.29 -28.83
N PRO C 145 -23.50 -2.27 -29.33
CA PRO C 145 -22.98 -0.90 -29.23
C PRO C 145 -23.20 -0.24 -27.87
N PHE C 146 -24.27 -0.58 -27.16
CA PHE C 146 -24.65 0.14 -25.95
C PHE C 146 -24.76 -0.79 -24.76
N VAL C 147 -24.63 -0.20 -23.57
CA VAL C 147 -24.57 -0.98 -22.33
C VAL C 147 -25.93 -1.58 -21.99
N SER C 148 -27.01 -0.81 -22.16
CA SER C 148 -28.33 -1.29 -21.77
C SER C 148 -28.79 -2.46 -22.63
N VAL C 149 -28.65 -2.33 -23.95
CA VAL C 149 -28.99 -3.44 -24.84
C VAL C 149 -28.08 -4.61 -24.59
N ALA C 150 -26.81 -4.35 -24.25
CA ALA C 150 -25.89 -5.43 -23.90
C ALA C 150 -26.39 -6.18 -22.67
N LYS C 151 -26.88 -5.47 -21.66
CA LYS C 151 -27.40 -6.13 -20.46
C LYS C 151 -28.66 -6.93 -20.77
N GLU C 152 -29.56 -6.37 -21.57
CA GLU C 152 -30.79 -7.09 -21.92
C GLU C 152 -30.45 -8.37 -22.69
N LYS C 153 -29.55 -8.27 -23.67
CA LYS C 153 -29.11 -9.45 -24.40
C LYS C 153 -28.38 -10.43 -23.49
N LYS C 154 -27.64 -9.91 -22.51
CA LYS C 154 -26.97 -10.80 -21.55
C LYS C 154 -27.97 -11.60 -20.76
N TYR C 155 -29.05 -10.96 -20.30
CA TYR C 155 -30.07 -11.68 -19.54
C TYR C 155 -30.82 -12.69 -20.42
N TYR C 156 -31.13 -12.29 -21.65
CA TYR C 156 -31.79 -13.23 -22.58
C TYR C 156 -30.90 -14.43 -22.85
N LEU C 157 -29.63 -14.19 -23.20
CA LEU C 157 -28.71 -15.27 -23.47
C LEU C 157 -28.45 -16.10 -22.23
N GLN C 158 -28.51 -15.49 -21.05
CA GLN C 158 -28.46 -16.25 -19.81
C GLN C 158 -29.61 -17.25 -19.77
N SER C 159 -30.85 -16.74 -19.78
CA SER C 159 -32.03 -17.58 -19.64
C SER C 159 -32.08 -18.66 -20.71
N LEU C 160 -31.46 -18.42 -21.87
CA LEU C 160 -31.44 -19.46 -22.90
C LEU C 160 -30.28 -20.44 -22.72
N PHE C 161 -29.05 -19.95 -22.79
CA PHE C 161 -27.89 -20.83 -22.89
C PHE C 161 -27.57 -21.47 -21.54
N GLN C 162 -27.67 -20.72 -20.44
CA GLN C 162 -27.42 -21.33 -19.15
C GLN C 162 -28.42 -22.44 -18.85
N GLU C 163 -29.66 -22.29 -19.34
CA GLU C 163 -30.60 -23.40 -19.32
C GLU C 163 -30.09 -24.54 -20.19
N VAL C 164 -29.58 -24.22 -21.38
CA VAL C 164 -28.94 -25.24 -22.20
C VAL C 164 -27.67 -25.76 -21.52
N GLY C 165 -26.84 -24.87 -21.00
CA GLY C 165 -25.61 -25.25 -20.35
C GLY C 165 -24.40 -24.50 -20.87
N ILE C 166 -24.60 -23.63 -21.84
CA ILE C 166 -23.52 -22.85 -22.43
C ILE C 166 -23.32 -21.59 -21.60
N LYS C 167 -22.14 -21.44 -21.02
CA LYS C 167 -21.87 -20.31 -20.14
C LYS C 167 -21.92 -19.00 -20.91
N VAL C 168 -22.60 -18.01 -20.31
CA VAL C 168 -22.75 -16.69 -20.91
C VAL C 168 -22.10 -15.68 -19.97
N ASP C 169 -21.13 -14.93 -20.48
CA ASP C 169 -20.38 -13.97 -19.69
C ASP C 169 -20.62 -12.57 -20.23
N GLY C 170 -20.61 -11.59 -19.32
CA GLY C 170 -20.85 -10.21 -19.67
C GLY C 170 -19.64 -9.35 -19.32
N TYR C 171 -19.43 -8.31 -20.13
CA TYR C 171 -18.34 -7.38 -19.91
C TYR C 171 -18.81 -5.92 -19.92
N MET C 172 -20.12 -5.69 -20.04
CA MET C 172 -20.63 -4.33 -20.21
C MET C 172 -20.40 -3.48 -18.98
N GLY C 173 -20.15 -2.19 -19.22
CA GLY C 173 -20.02 -1.21 -18.15
C GLY C 173 -18.88 -1.52 -17.21
N SER C 174 -19.12 -1.25 -15.93
CA SER C 174 -18.16 -1.55 -14.88
C SER C 174 -18.30 -2.97 -14.35
N THR C 175 -19.27 -3.74 -14.86
CA THR C 175 -19.46 -5.12 -14.42
C THR C 175 -18.33 -5.99 -14.94
N SER C 176 -17.53 -6.53 -14.03
CA SER C 176 -16.46 -7.44 -14.40
C SER C 176 -17.01 -8.85 -14.57
N PRO C 177 -16.33 -9.69 -15.37
CA PRO C 177 -16.81 -11.07 -15.53
C PRO C 177 -16.82 -11.86 -14.23
N SER C 178 -15.91 -11.57 -13.30
CA SER C 178 -15.80 -12.25 -12.03
C SER C 178 -15.55 -13.74 -12.17
N ARG C 179 -15.00 -14.17 -13.30
CA ARG C 179 -14.68 -15.57 -13.55
C ARG C 179 -13.53 -15.65 -14.54
N HIS C 180 -12.90 -16.81 -14.58
CA HIS C 180 -11.78 -17.00 -15.49
C HIS C 180 -12.24 -17.04 -16.93
N PHE C 181 -11.44 -16.47 -17.82
CA PHE C 181 -11.80 -16.41 -19.24
C PHE C 181 -11.84 -17.81 -19.85
N SER C 182 -10.87 -18.66 -19.50
CA SER C 182 -10.66 -19.92 -20.19
C SER C 182 -11.80 -20.92 -19.97
N SER C 183 -12.88 -20.54 -19.29
CA SER C 183 -14.03 -21.42 -19.09
C SER C 183 -15.31 -20.71 -19.50
N LEU C 184 -15.29 -20.01 -20.62
CA LEU C 184 -16.44 -19.29 -21.13
C LEU C 184 -16.59 -19.55 -22.63
N ASP C 185 -17.80 -19.38 -23.14
CA ASP C 185 -18.06 -19.61 -24.55
C ASP C 185 -18.69 -18.42 -25.26
N ILE C 186 -19.65 -17.74 -24.64
CA ILE C 186 -20.46 -16.74 -25.33
C ILE C 186 -20.29 -15.37 -24.71
N ALA C 187 -19.08 -15.06 -24.24
CA ALA C 187 -18.78 -13.78 -23.60
C ALA C 187 -19.31 -12.61 -24.41
N VAL C 188 -20.22 -11.85 -23.82
CA VAL C 188 -20.89 -10.72 -24.47
C VAL C 188 -20.18 -9.43 -24.06
N CYS C 189 -19.68 -8.69 -25.03
CA CYS C 189 -18.90 -7.48 -24.80
C CYS C 189 -19.56 -6.28 -25.48
N THR C 190 -18.92 -5.13 -25.34
CA THR C 190 -19.41 -3.85 -25.86
C THR C 190 -18.33 -3.17 -26.70
N ILE C 191 -17.78 -3.91 -27.66
CA ILE C 191 -16.73 -3.44 -28.57
C ILE C 191 -15.41 -3.28 -27.82
N GLU C 192 -15.35 -2.30 -26.92
CA GLU C 192 -14.09 -2.01 -26.23
C GLU C 192 -13.59 -3.21 -25.44
N ARG C 193 -14.50 -3.87 -24.71
CA ARG C 193 -14.11 -5.06 -23.96
C ARG C 193 -13.68 -6.18 -24.90
N ALA C 194 -14.39 -6.36 -26.02
CA ALA C 194 -14.01 -7.38 -26.99
C ALA C 194 -12.65 -7.10 -27.61
N ASN C 195 -12.39 -5.83 -27.96
CA ASN C 195 -11.08 -5.48 -28.51
C ASN C 195 -9.97 -5.72 -27.51
N GLY C 196 -10.19 -5.33 -26.24
CA GLY C 196 -9.19 -5.61 -25.22
C GLY C 196 -8.94 -7.09 -25.03
N LEU C 197 -10.01 -7.89 -25.04
CA LEU C 197 -9.87 -9.33 -24.90
C LEU C 197 -9.06 -9.92 -26.06
N ILE C 198 -9.36 -9.50 -27.29
CA ILE C 198 -8.63 -10.00 -28.45
C ILE C 198 -7.15 -9.61 -28.36
N ASN C 199 -6.87 -8.37 -27.99
CA ASN C 199 -5.48 -7.94 -27.87
C ASN C 199 -4.74 -8.72 -26.79
N ARG C 200 -5.38 -8.97 -25.66
CA ARG C 200 -4.74 -9.74 -24.60
C ARG C 200 -4.49 -11.18 -25.02
N LEU C 201 -5.43 -11.77 -25.76
CA LEU C 201 -5.22 -13.12 -26.28
C LEU C 201 -4.04 -13.16 -27.25
N ILE C 202 -3.94 -12.15 -28.12
CA ILE C 202 -2.85 -12.11 -29.09
C ILE C 202 -1.51 -11.94 -28.39
N GLU C 203 -1.45 -11.06 -27.39
CA GLU C 203 -0.21 -10.88 -26.62
C GLU C 203 0.10 -12.06 -25.71
N GLU C 204 -0.69 -13.14 -25.80
CA GLU C 204 -0.50 -14.32 -24.97
C GLU C 204 -0.32 -15.61 -25.78
N ASN C 205 -0.48 -15.55 -27.11
CA ASN C 205 -0.40 -16.72 -27.99
C ASN C 205 -1.46 -17.76 -27.60
N LYS C 206 -2.72 -17.33 -27.67
CA LYS C 206 -3.85 -18.20 -27.38
C LYS C 206 -5.01 -17.98 -28.34
N MET C 207 -4.72 -17.52 -29.56
CA MET C 207 -5.78 -17.29 -30.54
C MET C 207 -6.34 -18.60 -31.09
N ASP C 208 -5.70 -19.73 -30.82
CA ASP C 208 -6.17 -21.00 -31.34
C ASP C 208 -7.60 -21.32 -30.89
N LEU C 209 -8.00 -20.81 -29.72
CA LEU C 209 -9.35 -21.05 -29.20
C LEU C 209 -10.24 -19.88 -29.58
N LEU C 210 -10.77 -19.93 -30.80
CA LEU C 210 -11.71 -18.93 -31.29
C LEU C 210 -12.46 -19.54 -32.47
N GLY C 211 -13.78 -19.53 -32.41
CA GLY C 211 -14.58 -20.17 -33.44
C GLY C 211 -15.58 -19.28 -34.14
N MET C 212 -16.03 -18.22 -33.47
CA MET C 212 -17.04 -17.33 -34.01
C MET C 212 -16.82 -15.93 -33.46
N VAL C 213 -17.14 -14.92 -34.27
CA VAL C 213 -17.20 -13.53 -33.82
C VAL C 213 -18.49 -12.94 -34.39
N VAL C 214 -19.55 -12.93 -33.59
CA VAL C 214 -20.83 -12.38 -34.04
C VAL C 214 -20.81 -10.87 -33.83
N VAL C 215 -21.02 -10.12 -34.91
CA VAL C 215 -20.95 -8.66 -34.90
C VAL C 215 -22.33 -8.12 -35.23
N ASP C 216 -22.83 -7.24 -34.38
CA ASP C 216 -24.14 -6.64 -34.58
C ASP C 216 -23.99 -5.20 -35.06
N GLU C 217 -24.89 -4.79 -35.95
CA GLU C 217 -24.90 -3.43 -36.51
C GLU C 217 -23.58 -3.13 -37.23
N LEU C 218 -23.36 -3.90 -38.30
CA LEU C 218 -22.14 -3.79 -39.09
C LEU C 218 -22.03 -2.48 -39.85
N HIS C 219 -23.09 -1.68 -39.91
CA HIS C 219 -23.06 -0.45 -40.69
C HIS C 219 -22.34 0.69 -39.99
N MET C 220 -21.90 0.50 -38.75
CA MET C 220 -21.20 1.54 -38.00
C MET C 220 -19.70 1.52 -38.22
N LEU C 221 -19.18 0.57 -38.98
CA LEU C 221 -17.73 0.44 -39.14
C LEU C 221 -17.11 1.59 -39.91
N GLY C 222 -17.91 2.44 -40.55
CA GLY C 222 -17.36 3.50 -41.38
C GLY C 222 -17.48 4.88 -40.80
N ASP C 223 -18.58 5.16 -40.12
CA ASP C 223 -18.84 6.50 -39.57
C ASP C 223 -19.29 6.33 -38.11
N SER C 224 -18.32 6.32 -37.21
CA SER C 224 -18.57 6.21 -35.77
C SER C 224 -17.24 6.36 -35.05
N HIS C 225 -17.32 6.59 -33.75
CA HIS C 225 -16.16 6.60 -32.87
C HIS C 225 -15.91 5.24 -32.23
N ARG C 226 -16.73 4.23 -32.57
CA ARG C 226 -16.59 2.91 -31.97
C ARG C 226 -16.80 1.77 -32.96
N GLY C 227 -16.78 2.05 -34.26
CA GLY C 227 -16.93 1.00 -35.25
C GLY C 227 -15.63 0.65 -35.94
N TYR C 228 -14.74 1.64 -36.05
CA TYR C 228 -13.42 1.36 -36.57
C TYR C 228 -12.71 0.32 -35.72
N LEU C 229 -13.09 0.21 -34.45
CA LEU C 229 -12.61 -0.91 -33.63
C LEU C 229 -13.10 -2.24 -34.19
N LEU C 230 -14.35 -2.30 -34.65
CA LEU C 230 -14.84 -3.52 -35.29
C LEU C 230 -14.06 -3.82 -36.55
N GLU C 231 -13.78 -2.79 -37.36
CA GLU C 231 -13.00 -3.01 -38.57
C GLU C 231 -11.62 -3.57 -38.24
N LEU C 232 -10.92 -2.94 -37.29
CA LEU C 232 -9.59 -3.38 -36.92
C LEU C 232 -9.61 -4.81 -36.39
N LEU C 233 -10.59 -5.13 -35.54
CA LEU C 233 -10.72 -6.47 -35.01
C LEU C 233 -10.90 -7.50 -36.13
N LEU C 234 -11.78 -7.20 -37.08
CA LEU C 234 -12.07 -8.16 -38.14
C LEU C 234 -10.87 -8.38 -39.05
N THR C 235 -10.21 -7.31 -39.49
CA THR C 235 -9.04 -7.50 -40.33
C THR C 235 -7.92 -8.21 -39.57
N LYS C 236 -7.75 -7.91 -38.29
CA LYS C 236 -6.72 -8.59 -37.51
C LYS C 236 -6.97 -10.09 -37.44
N ILE C 237 -8.19 -10.49 -37.09
CA ILE C 237 -8.46 -11.92 -36.94
C ILE C 237 -8.38 -12.62 -38.30
N CYS C 238 -8.86 -11.97 -39.36
CA CYS C 238 -8.79 -12.57 -40.69
C CYS C 238 -7.34 -12.77 -41.12
N TYR C 239 -6.50 -11.75 -40.90
CA TYR C 239 -5.09 -11.86 -41.28
C TYR C 239 -4.40 -12.97 -40.52
N ILE C 240 -4.59 -13.00 -39.20
CA ILE C 240 -3.87 -13.99 -38.41
C ILE C 240 -4.35 -15.40 -38.73
N THR C 241 -5.65 -15.56 -39.03
CA THR C 241 -6.16 -16.89 -39.36
C THR C 241 -5.70 -17.35 -40.73
N ARG C 242 -5.77 -16.48 -41.74
CA ARG C 242 -5.41 -16.89 -43.09
C ARG C 242 -3.90 -17.09 -43.23
N LYS C 243 -3.10 -16.21 -42.63
CA LYS C 243 -1.65 -16.35 -42.75
C LYS C 243 -1.15 -17.61 -42.08
N SER C 244 -1.72 -17.95 -40.93
CA SER C 244 -1.31 -19.16 -40.20
C SER C 244 -1.68 -20.42 -40.97
N ASN C 257 -12.54 -21.62 -43.78
CA ASN C 257 -12.45 -20.69 -42.66
C ASN C 257 -12.85 -21.36 -41.35
N ALA C 258 -11.87 -21.59 -40.48
CA ALA C 258 -12.15 -22.19 -39.18
C ALA C 258 -12.91 -21.24 -38.27
N VAL C 259 -12.86 -19.92 -38.53
CA VAL C 259 -13.54 -18.91 -37.73
C VAL C 259 -14.56 -18.20 -38.61
N GLN C 260 -15.82 -18.19 -38.17
CA GLN C 260 -16.91 -17.55 -38.89
C GLN C 260 -17.14 -16.16 -38.32
N ILE C 261 -17.39 -15.19 -39.20
CA ILE C 261 -17.47 -13.78 -38.82
C ILE C 261 -18.88 -13.31 -39.13
N VAL C 262 -19.87 -14.19 -38.93
CA VAL C 262 -21.26 -13.89 -39.24
C VAL C 262 -21.67 -12.59 -38.55
N GLY C 263 -22.28 -11.69 -39.30
CA GLY C 263 -22.72 -10.41 -38.78
C GLY C 263 -23.99 -9.92 -39.45
N MET C 264 -24.42 -8.71 -39.12
CA MET C 264 -25.64 -8.18 -39.70
C MET C 264 -25.58 -6.66 -39.75
N SER C 265 -26.27 -6.09 -40.74
CA SER C 265 -26.45 -4.65 -40.86
C SER C 265 -27.90 -4.40 -41.25
N ALA C 266 -28.27 -3.12 -41.30
CA ALA C 266 -29.68 -2.79 -41.59
C ALA C 266 -29.97 -2.84 -43.07
N THR C 267 -29.39 -1.93 -43.84
CA THR C 267 -29.54 -1.92 -45.30
C THR C 267 -28.54 -0.94 -45.91
N LEU C 268 -27.73 -1.40 -46.85
CA LEU C 268 -26.77 -0.56 -47.53
C LEU C 268 -26.70 -0.97 -48.99
N PRO C 269 -26.37 -0.04 -49.88
CA PRO C 269 -26.25 -0.39 -51.30
C PRO C 269 -25.08 -1.33 -51.59
N ASN C 270 -23.91 -1.02 -51.04
CA ASN C 270 -22.70 -1.81 -51.31
C ASN C 270 -22.49 -2.90 -50.26
N LEU C 271 -23.51 -3.73 -50.04
CA LEU C 271 -23.39 -4.82 -49.09
C LEU C 271 -22.54 -5.96 -49.64
N GLU C 272 -22.55 -6.16 -50.97
CA GLU C 272 -21.77 -7.24 -51.56
C GLU C 272 -20.28 -7.03 -51.37
N LEU C 273 -19.81 -5.79 -51.54
CA LEU C 273 -18.39 -5.49 -51.37
C LEU C 273 -17.94 -5.82 -49.96
N VAL C 274 -18.80 -5.65 -48.97
CA VAL C 274 -18.48 -6.06 -47.61
C VAL C 274 -18.41 -7.58 -47.52
N ALA C 275 -19.32 -8.28 -48.20
CA ALA C 275 -19.33 -9.73 -48.14
C ALA C 275 -18.09 -10.34 -48.79
N SER C 276 -17.61 -9.73 -49.88
CA SER C 276 -16.43 -10.26 -50.55
C SER C 276 -15.19 -10.18 -49.67
N TRP C 277 -15.02 -9.06 -48.95
CA TRP C 277 -13.84 -8.91 -48.10
C TRP C 277 -13.89 -9.86 -46.92
N LEU C 278 -15.08 -10.22 -46.46
CA LEU C 278 -15.24 -11.23 -45.41
C LEU C 278 -15.28 -12.65 -45.95
N ASN C 279 -15.28 -12.84 -47.28
CA ASN C 279 -15.41 -14.14 -47.91
C ASN C 279 -16.72 -14.78 -47.45
N ALA C 280 -17.82 -14.14 -47.86
CA ALA C 280 -19.14 -14.49 -47.36
C ALA C 280 -20.18 -14.27 -48.45
N GLU C 281 -21.31 -14.94 -48.29
CA GLU C 281 -22.45 -14.76 -49.18
C GLU C 281 -23.20 -13.49 -48.76
N LEU C 282 -24.35 -13.25 -49.38
CA LEU C 282 -25.10 -12.03 -49.11
C LEU C 282 -26.56 -12.24 -49.49
N TYR C 283 -27.47 -11.70 -48.68
CA TYR C 283 -28.88 -11.69 -49.02
C TYR C 283 -29.56 -10.61 -48.20
N HIS C 284 -30.33 -9.76 -48.86
CA HIS C 284 -31.02 -8.64 -48.22
C HIS C 284 -32.51 -8.75 -48.48
N THR C 285 -33.31 -8.40 -47.46
CA THR C 285 -34.76 -8.49 -47.54
C THR C 285 -35.38 -7.21 -47.03
N ASP C 286 -36.66 -7.02 -47.36
CA ASP C 286 -37.38 -5.81 -46.97
C ASP C 286 -38.86 -6.17 -46.84
N PHE C 287 -39.30 -6.43 -45.60
CA PHE C 287 -40.71 -6.73 -45.34
C PHE C 287 -40.97 -6.54 -43.86
N ARG C 288 -41.91 -5.65 -43.53
CA ARG C 288 -42.19 -5.37 -42.13
C ARG C 288 -43.45 -6.10 -41.67
N PRO C 289 -43.47 -6.58 -40.42
CA PRO C 289 -44.67 -7.30 -39.94
C PRO C 289 -45.92 -6.45 -39.92
N VAL C 290 -45.79 -5.17 -39.59
CA VAL C 290 -46.91 -4.24 -39.51
C VAL C 290 -46.73 -3.20 -40.62
N PRO C 291 -47.66 -3.07 -41.56
CA PRO C 291 -47.51 -2.04 -42.59
C PRO C 291 -47.43 -0.66 -41.97
N LEU C 292 -46.55 0.17 -42.50
CA LEU C 292 -46.23 1.45 -41.90
C LEU C 292 -46.76 2.56 -42.82
N LEU C 293 -47.74 3.31 -42.32
CA LEU C 293 -48.33 4.41 -43.08
C LEU C 293 -47.54 5.67 -42.75
N GLU C 294 -46.60 6.01 -43.63
CA GLU C 294 -45.72 7.15 -43.43
C GLU C 294 -46.28 8.35 -44.19
N SER C 295 -46.51 9.44 -43.48
CA SER C 295 -47.18 10.59 -44.06
C SER C 295 -46.54 11.88 -43.57
N VAL C 296 -46.81 12.96 -44.30
CA VAL C 296 -46.35 14.30 -43.95
C VAL C 296 -47.56 15.22 -43.91
N LYS C 297 -47.75 15.91 -42.79
CA LYS C 297 -48.92 16.75 -42.56
C LYS C 297 -48.53 18.21 -42.74
N VAL C 298 -49.26 18.92 -43.60
CA VAL C 298 -49.10 20.35 -43.81
C VAL C 298 -50.47 21.00 -43.76
N GLY C 299 -50.60 22.04 -42.95
CA GLY C 299 -51.85 22.77 -42.85
C GLY C 299 -52.98 21.94 -42.28
N ASN C 300 -53.96 21.60 -43.11
CA ASN C 300 -55.12 20.83 -42.69
C ASN C 300 -55.34 19.65 -43.63
N SER C 301 -54.27 18.94 -43.96
CA SER C 301 -54.37 17.79 -44.85
C SER C 301 -53.22 16.82 -44.56
N ILE C 302 -53.38 15.59 -45.03
CA ILE C 302 -52.38 14.54 -44.86
C ILE C 302 -51.97 14.06 -46.25
N TYR C 303 -50.67 14.07 -46.52
CA TYR C 303 -50.12 13.59 -47.78
C TYR C 303 -49.24 12.37 -47.51
N ASP C 304 -49.45 11.31 -48.29
CA ASP C 304 -48.67 10.09 -48.11
C ASP C 304 -47.27 10.28 -48.70
N SER C 305 -46.49 9.19 -48.70
CA SER C 305 -45.12 9.26 -49.20
C SER C 305 -45.08 9.60 -50.68
N SER C 306 -45.95 8.97 -51.48
CA SER C 306 -45.96 9.19 -52.92
C SER C 306 -46.96 10.28 -53.32
N MET C 307 -46.88 11.43 -52.65
CA MET C 307 -47.69 12.62 -52.96
C MET C 307 -49.16 12.26 -53.19
N LYS C 308 -49.76 11.64 -52.19
CA LYS C 308 -51.15 11.21 -52.26
C LYS C 308 -51.90 11.68 -51.03
N LEU C 309 -53.09 12.23 -51.21
CA LEU C 309 -53.94 12.67 -50.12
C LEU C 309 -54.81 11.51 -49.66
N VAL C 310 -54.77 11.21 -48.36
CA VAL C 310 -55.55 10.12 -47.80
C VAL C 310 -56.66 10.61 -46.88
N ARG C 311 -56.41 11.64 -46.08
CA ARG C 311 -57.44 12.16 -45.18
C ARG C 311 -57.30 13.67 -45.02
N GLU C 323 -51.54 26.21 -35.10
CA GLU C 323 -52.25 25.38 -36.06
C GLU C 323 -51.67 23.97 -36.13
N ASP C 324 -50.77 23.66 -35.18
CA ASP C 324 -50.17 22.34 -35.14
C ASP C 324 -51.21 21.26 -34.88
N HIS C 325 -52.17 21.54 -34.00
CA HIS C 325 -53.26 20.62 -33.69
C HIS C 325 -52.76 19.29 -33.16
N VAL C 326 -51.60 19.29 -32.49
CA VAL C 326 -51.09 18.08 -31.87
C VAL C 326 -52.02 17.60 -30.77
N VAL C 327 -52.64 18.54 -30.05
CA VAL C 327 -53.62 18.16 -29.03
C VAL C 327 -54.77 17.42 -29.69
N SER C 328 -55.24 17.91 -30.84
CA SER C 328 -56.27 17.19 -31.58
C SER C 328 -55.75 15.84 -32.06
N LEU C 329 -54.51 15.80 -32.57
CA LEU C 329 -53.94 14.54 -33.03
C LEU C 329 -53.79 13.56 -31.88
N CYS C 330 -53.36 14.05 -30.72
CA CYS C 330 -53.27 13.18 -29.54
C CYS C 330 -54.66 12.74 -29.08
N TYR C 331 -55.66 13.61 -29.21
CA TYR C 331 -57.00 13.30 -28.75
C TYR C 331 -57.59 12.10 -29.49
N GLU C 332 -57.41 12.06 -30.80
CA GLU C 332 -57.99 10.97 -31.60
C GLU C 332 -57.31 9.64 -31.37
N THR C 333 -56.18 9.61 -30.67
CA THR C 333 -55.43 8.38 -30.45
C THR C 333 -55.75 7.70 -29.14
N ILE C 334 -55.90 8.46 -28.05
CA ILE C 334 -56.19 7.84 -26.76
C ILE C 334 -57.61 7.30 -26.69
N CYS C 335 -58.50 7.75 -27.59
CA CYS C 335 -59.88 7.28 -27.57
C CYS C 335 -59.98 5.79 -27.86
N ASP C 336 -59.02 5.22 -28.57
CA ASP C 336 -58.99 3.78 -28.87
C ASP C 336 -58.04 3.02 -27.95
N ASN C 337 -57.96 3.43 -26.68
CA ASN C 337 -57.12 2.84 -25.63
C ASN C 337 -55.80 2.29 -26.14
N HIS C 338 -54.99 3.15 -26.76
CA HIS C 338 -53.65 2.76 -27.21
C HIS C 338 -52.67 3.86 -26.83
N SER C 339 -51.46 3.78 -27.37
CA SER C 339 -50.36 4.65 -26.97
C SER C 339 -50.09 5.74 -27.99
N VAL C 340 -49.49 6.83 -27.52
CA VAL C 340 -49.06 7.95 -28.35
C VAL C 340 -47.63 8.29 -27.94
N LEU C 341 -46.93 9.03 -28.80
CA LEU C 341 -45.56 9.43 -28.52
C LEU C 341 -45.19 10.56 -29.48
N LEU C 342 -44.55 11.60 -28.96
CA LEU C 342 -44.04 12.69 -29.77
C LEU C 342 -42.59 12.96 -29.39
N PHE C 343 -41.80 13.38 -30.37
CA PHE C 343 -40.38 13.66 -30.17
C PHE C 343 -40.13 15.15 -30.28
N CYS C 344 -39.21 15.66 -29.45
CA CYS C 344 -38.90 17.08 -29.37
C CYS C 344 -37.40 17.30 -29.53
N PRO C 345 -37.00 18.47 -30.02
CA PRO C 345 -35.57 18.72 -30.26
C PRO C 345 -34.79 19.19 -29.04
N SER C 346 -35.42 19.38 -27.89
CA SER C 346 -34.71 19.86 -26.71
C SER C 346 -35.41 19.37 -25.46
N LYS C 347 -34.67 19.36 -24.34
CA LYS C 347 -35.24 18.89 -23.08
C LYS C 347 -36.17 19.93 -22.47
N LYS C 348 -35.82 21.21 -22.56
CA LYS C 348 -36.71 22.26 -22.09
C LYS C 348 -38.01 22.26 -22.88
N TRP C 349 -37.92 22.09 -24.21
CA TRP C 349 -39.11 21.95 -25.03
C TRP C 349 -39.85 20.66 -24.72
N CYS C 350 -39.13 19.60 -24.37
CA CYS C 350 -39.75 18.32 -24.07
C CYS C 350 -40.68 18.41 -22.86
N GLU C 351 -40.17 18.96 -21.76
CA GLU C 351 -40.96 19.03 -20.53
C GLU C 351 -42.01 20.14 -20.58
N LYS C 352 -41.71 21.25 -21.27
CA LYS C 352 -42.71 22.31 -21.41
C LYS C 352 -43.90 21.84 -22.23
N LEU C 353 -43.66 21.12 -23.32
CA LEU C 353 -44.75 20.69 -24.18
C LEU C 353 -45.53 19.52 -23.60
N ALA C 354 -44.95 18.77 -22.66
CA ALA C 354 -45.71 17.72 -22.01
C ALA C 354 -46.72 18.27 -21.02
N ASP C 355 -46.52 19.49 -20.52
CA ASP C 355 -47.47 20.14 -19.63
C ASP C 355 -48.27 21.25 -20.28
N ILE C 356 -47.78 21.84 -21.37
CA ILE C 356 -48.60 22.78 -22.14
C ILE C 356 -49.83 22.06 -22.67
N ILE C 357 -49.65 20.85 -23.21
CA ILE C 357 -50.79 20.06 -23.65
C ILE C 357 -51.64 19.65 -22.44
N ALA C 358 -50.98 19.35 -21.32
CA ALA C 358 -51.72 18.95 -20.12
C ALA C 358 -52.60 20.09 -19.61
N ARG C 359 -52.10 21.32 -19.68
CA ARG C 359 -52.92 22.48 -19.29
C ARG C 359 -54.13 22.61 -20.22
N GLU C 360 -53.92 22.38 -21.52
CA GLU C 360 -55.02 22.41 -22.48
C GLU C 360 -55.93 21.20 -22.37
N PHE C 361 -55.56 20.20 -21.58
CA PHE C 361 -56.40 19.03 -21.37
C PHE C 361 -57.25 19.16 -20.11
N TYR C 362 -56.67 19.69 -19.02
CA TYR C 362 -57.42 19.83 -17.78
C TYR C 362 -58.50 20.89 -17.89
N ASN C 363 -58.18 22.02 -18.54
CA ASN C 363 -59.16 23.11 -18.65
C ASN C 363 -60.37 22.69 -19.46
N LEU C 364 -60.19 21.83 -20.47
CA LEU C 364 -61.34 21.32 -21.21
C LEU C 364 -62.22 20.44 -20.33
N HIS C 365 -61.62 19.64 -19.46
CA HIS C 365 -62.37 18.78 -18.55
C HIS C 365 -63.11 19.60 -17.50
N GLU C 383 -57.25 3.69 -16.27
CA GLU C 383 -56.85 2.87 -15.14
C GLU C 383 -56.38 3.75 -13.96
N GLN C 384 -56.66 3.29 -12.75
CA GLN C 384 -56.24 4.03 -11.56
C GLN C 384 -55.67 3.15 -10.45
N LYS C 385 -55.62 1.82 -10.62
CA LYS C 385 -55.11 0.95 -9.57
C LYS C 385 -53.63 1.22 -9.32
N GLU C 386 -52.84 1.34 -10.38
CA GLU C 386 -51.42 1.64 -10.26
C GLU C 386 -51.12 3.12 -10.37
N LEU C 387 -52.13 3.97 -10.61
CA LEU C 387 -51.91 5.40 -10.75
C LEU C 387 -51.44 6.04 -9.45
N LEU C 388 -51.73 5.42 -8.31
CA LEU C 388 -51.27 5.94 -7.03
C LEU C 388 -49.97 5.30 -6.55
N GLU C 389 -49.64 4.10 -7.06
CA GLU C 389 -48.37 3.48 -6.71
C GLU C 389 -47.18 4.30 -7.21
N VAL C 390 -47.29 4.82 -8.44
CA VAL C 390 -46.21 5.63 -8.99
C VAL C 390 -46.10 6.96 -8.23
N MET C 391 -47.24 7.52 -7.84
CA MET C 391 -47.21 8.78 -7.10
C MET C 391 -46.49 8.64 -5.77
N ASP C 392 -46.73 7.53 -5.06
CA ASP C 392 -45.98 7.27 -3.84
C ASP C 392 -44.50 7.07 -4.11
N GLN C 393 -44.17 6.44 -5.24
CA GLN C 393 -42.77 6.25 -5.60
C GLN C 393 -42.07 7.58 -5.84
N LEU C 394 -42.80 8.57 -6.36
CA LEU C 394 -42.17 9.86 -6.67
C LEU C 394 -41.68 10.56 -5.41
N ARG C 395 -42.49 10.58 -4.35
CA ARG C 395 -42.07 11.24 -3.12
C ARG C 395 -41.11 10.40 -2.31
N ARG C 396 -41.14 9.07 -2.48
CA ARG C 396 -40.30 8.18 -1.68
C ARG C 396 -38.82 8.29 -2.07
N LEU C 397 -38.53 8.74 -3.29
CA LEU C 397 -37.19 8.75 -3.87
C LEU C 397 -36.14 9.36 -2.95
N PRO C 398 -34.89 8.88 -3.00
CA PRO C 398 -33.84 9.50 -2.18
C PRO C 398 -33.65 10.97 -2.45
N SER C 399 -33.80 11.39 -3.71
CA SER C 399 -33.73 12.81 -4.04
C SER C 399 -35.09 13.47 -3.83
N GLY C 400 -36.12 12.97 -4.51
CA GLY C 400 -37.47 13.45 -4.30
C GLY C 400 -37.68 14.91 -4.64
N LEU C 401 -37.10 15.38 -5.75
CA LEU C 401 -37.29 16.77 -6.15
C LEU C 401 -38.76 17.05 -6.45
N ASP C 402 -39.42 16.13 -7.15
CA ASP C 402 -40.85 16.23 -7.48
C ASP C 402 -41.16 17.56 -8.18
N SER C 403 -40.57 17.68 -9.37
CA SER C 403 -40.76 18.87 -10.21
C SER C 403 -42.09 18.78 -10.95
N VAL C 404 -42.26 19.60 -11.99
CA VAL C 404 -43.50 19.63 -12.75
C VAL C 404 -43.90 18.26 -13.28
N LEU C 405 -43.00 17.27 -13.23
CA LEU C 405 -43.38 15.90 -13.56
C LEU C 405 -44.46 15.38 -12.63
N GLN C 406 -44.36 15.70 -11.34
CA GLN C 406 -45.30 15.17 -10.35
C GLN C 406 -46.73 15.61 -10.63
N LYS C 407 -46.91 16.80 -11.21
CA LYS C 407 -48.25 17.33 -11.44
C LYS C 407 -49.04 16.49 -12.44
N THR C 408 -48.38 16.00 -13.49
CA THR C 408 -49.09 15.34 -14.60
C THR C 408 -48.75 13.86 -14.75
N VAL C 409 -48.14 13.24 -13.75
CA VAL C 409 -47.93 11.79 -13.81
C VAL C 409 -49.26 11.03 -13.84
N PRO C 410 -50.24 11.28 -12.95
CA PRO C 410 -51.47 10.48 -12.99
C PRO C 410 -52.52 11.04 -13.94
N TRP C 411 -52.48 12.35 -14.18
CA TRP C 411 -53.57 13.06 -14.85
C TRP C 411 -53.31 13.26 -16.35
N GLY C 412 -52.22 13.92 -16.70
CA GLY C 412 -52.01 14.32 -18.08
C GLY C 412 -50.82 13.67 -18.77
N VAL C 413 -49.84 14.50 -19.14
CA VAL C 413 -48.73 14.08 -19.98
C VAL C 413 -47.43 14.41 -19.25
N ALA C 414 -46.53 13.43 -19.17
CA ALA C 414 -45.24 13.59 -18.54
C ALA C 414 -44.13 13.57 -19.58
N PHE C 415 -42.88 13.58 -19.11
CA PHE C 415 -41.73 13.67 -19.98
C PHE C 415 -40.66 12.68 -19.54
N HIS C 416 -39.79 12.31 -20.47
CA HIS C 416 -38.74 11.33 -20.23
C HIS C 416 -37.54 11.68 -21.09
N HIS C 417 -36.35 11.64 -20.48
CA HIS C 417 -35.11 11.88 -21.19
C HIS C 417 -33.96 11.33 -20.34
N ALA C 418 -32.73 11.68 -20.72
CA ALA C 418 -31.54 11.23 -20.00
C ALA C 418 -31.08 12.23 -18.95
N GLY C 419 -31.84 13.28 -18.69
CA GLY C 419 -31.49 14.25 -17.67
C GLY C 419 -32.07 13.92 -16.31
N LEU C 420 -32.50 12.68 -16.15
CA LEU C 420 -33.10 12.20 -14.91
C LEU C 420 -32.28 11.03 -14.36
N THR C 421 -32.55 10.69 -13.10
CA THR C 421 -31.86 9.60 -12.45
C THR C 421 -32.16 8.28 -13.16
N PHE C 422 -31.17 7.37 -13.17
CA PHE C 422 -31.32 6.10 -13.85
C PHE C 422 -32.56 5.34 -13.38
N GLU C 423 -32.97 5.53 -12.13
CA GLU C 423 -34.16 4.88 -11.62
C GLU C 423 -35.44 5.66 -11.95
N GLU C 424 -35.43 6.97 -11.72
CA GLU C 424 -36.62 7.78 -12.02
C GLU C 424 -36.92 7.80 -13.51
N ARG C 425 -35.88 7.95 -14.33
CA ARG C 425 -36.08 7.92 -15.79
C ARG C 425 -36.57 6.57 -16.26
N ASP C 426 -36.03 5.49 -15.70
CA ASP C 426 -36.45 4.15 -16.10
C ASP C 426 -37.88 3.86 -15.69
N ILE C 427 -38.31 4.37 -14.54
CA ILE C 427 -39.65 4.07 -14.04
C ILE C 427 -40.72 4.63 -14.97
N ILE C 428 -40.47 5.81 -15.54
CA ILE C 428 -41.41 6.40 -16.49
C ILE C 428 -41.64 5.43 -17.66
N GLU C 429 -40.57 4.80 -18.13
CA GLU C 429 -40.73 3.78 -19.17
C GLU C 429 -41.47 2.57 -18.65
N GLY C 430 -41.43 2.32 -17.34
CA GLY C 430 -42.13 1.17 -16.79
C GLY C 430 -43.63 1.30 -16.88
N ALA C 431 -44.16 2.51 -16.66
CA ALA C 431 -45.61 2.71 -16.76
C ALA C 431 -46.09 2.50 -18.19
N PHE C 432 -45.28 2.91 -19.18
CA PHE C 432 -45.66 2.73 -20.58
C PHE C 432 -45.85 1.26 -20.93
N ARG C 433 -45.17 0.35 -20.23
CA ARG C 433 -45.30 -1.06 -20.52
C ARG C 433 -46.62 -1.65 -20.05
N GLN C 434 -47.20 -1.11 -18.97
CA GLN C 434 -48.43 -1.63 -18.39
C GLN C 434 -49.66 -0.82 -18.79
N GLY C 435 -49.61 0.50 -18.61
CA GLY C 435 -50.76 1.34 -18.88
C GLY C 435 -50.57 2.77 -18.40
N LEU C 436 -51.54 3.28 -17.65
CA LEU C 436 -51.44 4.59 -17.01
C LEU C 436 -51.17 5.70 -18.03
N ILE C 437 -49.99 6.31 -17.93
CA ILE C 437 -49.63 7.40 -18.84
C ILE C 437 -49.52 6.88 -20.27
N ARG C 438 -49.96 7.70 -21.22
CA ARG C 438 -49.88 7.36 -22.64
C ARG C 438 -49.07 8.35 -23.46
N VAL C 439 -49.23 9.64 -23.24
CA VAL C 439 -48.55 10.66 -24.04
C VAL C 439 -47.28 11.07 -23.32
N LEU C 440 -46.23 11.39 -24.10
CA LEU C 440 -44.94 11.78 -23.54
C LEU C 440 -44.10 12.41 -24.63
N ALA C 441 -43.03 13.08 -24.21
CA ALA C 441 -42.01 13.61 -25.10
C ALA C 441 -40.66 13.07 -24.63
N ALA C 442 -39.75 12.81 -25.58
CA ALA C 442 -38.56 12.02 -25.28
C ALA C 442 -37.25 12.57 -25.81
N THR C 443 -37.27 13.41 -26.84
CA THR C 443 -36.07 13.82 -27.56
C THR C 443 -35.39 12.56 -28.10
N SER C 444 -34.08 12.60 -28.33
CA SER C 444 -33.40 11.46 -28.94
C SER C 444 -33.17 10.33 -27.95
N THR C 445 -33.73 10.44 -26.74
CA THR C 445 -33.52 9.42 -25.72
C THR C 445 -34.08 8.06 -26.15
N LEU C 446 -35.31 8.05 -26.67
CA LEU C 446 -35.89 6.78 -27.13
C LEU C 446 -35.57 6.47 -28.59
N SER C 447 -34.82 7.34 -29.28
CA SER C 447 -34.41 7.03 -30.64
C SER C 447 -33.50 5.81 -30.68
N SER C 448 -32.54 5.74 -29.76
CA SER C 448 -31.59 4.64 -29.71
C SER C 448 -31.38 4.06 -28.32
N GLY C 449 -31.98 4.66 -27.28
CA GLY C 449 -31.81 4.16 -25.94
C GLY C 449 -32.48 2.83 -25.70
N VAL C 450 -33.82 2.82 -25.70
CA VAL C 450 -34.60 1.60 -25.52
C VAL C 450 -35.73 1.59 -26.54
N ASN C 451 -36.47 0.49 -26.55
CA ASN C 451 -37.53 0.25 -27.52
C ASN C 451 -38.89 0.40 -26.83
N LEU C 452 -39.59 1.49 -27.11
CA LEU C 452 -40.93 1.74 -26.59
C LEU C 452 -41.93 1.89 -27.73
N PRO C 453 -42.67 0.85 -28.07
CA PRO C 453 -43.63 0.95 -29.18
C PRO C 453 -44.78 1.90 -28.85
N ALA C 454 -45.32 2.51 -29.91
CA ALA C 454 -46.46 3.40 -29.82
C ALA C 454 -47.24 3.33 -31.11
N ARG C 455 -48.50 3.79 -31.07
CA ARG C 455 -49.32 3.72 -32.28
C ARG C 455 -48.88 4.75 -33.31
N ARG C 456 -48.97 6.03 -32.97
CA ARG C 456 -48.56 7.10 -33.87
C ARG C 456 -47.41 7.88 -33.23
N VAL C 457 -46.42 8.23 -34.05
CA VAL C 457 -45.24 8.92 -33.59
C VAL C 457 -45.15 10.25 -34.32
N ILE C 458 -45.11 11.35 -33.57
CA ILE C 458 -45.07 12.68 -34.13
C ILE C 458 -43.61 13.16 -34.04
N ILE C 459 -42.90 13.08 -35.17
CA ILE C 459 -41.53 13.57 -35.22
C ILE C 459 -41.45 15.08 -35.04
N ARG C 460 -42.56 15.77 -35.17
CA ARG C 460 -42.65 17.22 -34.95
C ARG C 460 -41.73 17.92 -35.96
N THR C 461 -40.79 18.74 -35.51
CA THR C 461 -40.01 19.58 -36.40
C THR C 461 -39.17 18.71 -37.35
N PRO C 462 -39.17 19.00 -38.66
CA PRO C 462 -38.26 18.27 -39.56
C PRO C 462 -36.79 18.50 -39.25
N ILE C 463 -36.43 19.69 -38.76
CA ILE C 463 -35.05 20.01 -38.39
C ILE C 463 -34.87 19.72 -36.91
N PHE C 464 -33.82 18.96 -36.59
CA PHE C 464 -33.51 18.59 -35.20
C PHE C 464 -32.13 19.08 -34.85
N GLY C 465 -32.02 19.85 -33.78
CA GLY C 465 -30.74 20.38 -33.34
C GLY C 465 -30.09 21.35 -34.30
N GLY C 466 -30.89 22.13 -35.02
CA GLY C 466 -30.35 23.10 -35.95
C GLY C 466 -29.84 22.52 -37.26
N ARG C 467 -30.00 21.21 -37.47
CA ARG C 467 -29.55 20.54 -38.67
C ARG C 467 -30.62 19.56 -39.11
N PRO C 468 -30.66 19.21 -40.40
CA PRO C 468 -31.65 18.24 -40.86
C PRO C 468 -31.49 16.90 -40.15
N LEU C 469 -32.62 16.28 -39.84
CA LEU C 469 -32.60 14.98 -39.16
C LEU C 469 -31.94 13.94 -40.04
N ASP C 470 -31.05 13.15 -39.45
CA ASP C 470 -30.31 12.15 -40.21
C ASP C 470 -31.24 11.06 -40.72
N ILE C 471 -30.85 10.46 -41.85
CA ILE C 471 -31.65 9.39 -42.43
C ILE C 471 -31.71 8.19 -41.50
N LEU C 472 -30.58 7.83 -40.89
CA LEU C 472 -30.59 6.74 -39.92
C LEU C 472 -31.38 7.11 -38.67
N THR C 473 -31.23 8.34 -38.19
CA THR C 473 -31.97 8.75 -36.99
C THR C 473 -33.46 8.82 -37.26
N TYR C 474 -33.85 9.34 -38.43
CA TYR C 474 -35.27 9.40 -38.76
C TYR C 474 -35.86 7.99 -38.89
N LYS C 475 -35.13 7.08 -39.52
CA LYS C 475 -35.60 5.70 -39.63
C LYS C 475 -35.64 5.02 -38.27
N GLN C 476 -34.67 5.31 -37.40
CA GLN C 476 -34.71 4.78 -36.04
C GLN C 476 -35.90 5.35 -35.27
N MET C 477 -36.15 6.65 -35.42
CA MET C 477 -37.29 7.29 -34.76
C MET C 477 -38.61 6.69 -35.24
N VAL C 478 -38.77 6.60 -36.56
CA VAL C 478 -40.05 6.17 -37.13
C VAL C 478 -40.31 4.69 -36.81
N GLY C 479 -39.26 3.87 -36.81
CA GLY C 479 -39.42 2.45 -36.60
C GLY C 479 -39.92 2.05 -35.23
N ARG C 480 -40.02 3.00 -34.30
CA ARG C 480 -40.54 2.69 -32.97
C ARG C 480 -41.99 2.24 -33.02
N ALA C 481 -42.77 2.79 -33.95
CA ALA C 481 -44.19 2.47 -34.02
C ALA C 481 -44.41 1.02 -34.43
N GLY C 482 -45.38 0.37 -33.80
CA GLY C 482 -45.74 -1.00 -34.13
C GLY C 482 -45.43 -2.01 -33.05
N ARG C 483 -46.45 -2.74 -32.60
CA ARG C 483 -46.28 -3.80 -31.62
C ARG C 483 -46.13 -5.14 -32.34
N LYS C 484 -46.11 -6.23 -31.56
CA LYS C 484 -46.03 -7.57 -32.11
C LYS C 484 -47.43 -8.12 -32.41
N GLY C 485 -48.11 -7.44 -33.33
CA GLY C 485 -49.44 -7.81 -33.73
C GLY C 485 -50.56 -7.24 -32.89
N VAL C 486 -50.24 -6.53 -31.81
CA VAL C 486 -51.29 -5.95 -30.96
C VAL C 486 -52.06 -4.89 -31.73
N ASP C 487 -51.36 -4.02 -32.45
CA ASP C 487 -52.00 -3.00 -33.26
C ASP C 487 -52.11 -3.50 -34.70
N THR C 488 -52.53 -2.61 -35.61
CA THR C 488 -52.71 -2.96 -37.01
C THR C 488 -51.78 -2.20 -37.93
N VAL C 489 -51.74 -0.87 -37.83
CA VAL C 489 -50.92 -0.04 -38.69
C VAL C 489 -50.13 0.93 -37.80
N GLY C 490 -48.90 1.22 -38.22
CA GLY C 490 -48.08 2.24 -37.58
C GLY C 490 -48.09 3.51 -38.41
N GLU C 491 -48.01 4.65 -37.73
CA GLU C 491 -48.05 5.95 -38.39
C GLU C 491 -46.87 6.80 -37.96
N SER C 492 -46.47 7.72 -38.83
CA SER C 492 -45.40 8.67 -38.54
C SER C 492 -45.79 10.02 -39.12
N ILE C 493 -46.00 11.00 -38.25
CA ILE C 493 -46.45 12.34 -38.65
C ILE C 493 -45.27 13.29 -38.53
N LEU C 494 -45.05 14.08 -39.58
CA LEU C 494 -44.01 15.11 -39.60
C LEU C 494 -44.71 16.45 -39.79
N ILE C 495 -44.84 17.21 -38.72
CA ILE C 495 -45.53 18.50 -38.75
C ILE C 495 -44.54 19.57 -39.19
N CYS C 496 -44.85 20.23 -40.31
CA CYS C 496 -43.98 21.23 -40.90
C CYS C 496 -44.81 22.09 -41.84
N LYS C 497 -44.53 23.40 -41.83
CA LYS C 497 -45.30 24.35 -42.60
C LYS C 497 -44.39 25.26 -43.40
N ASN C 498 -44.85 25.66 -44.58
CA ASN C 498 -44.16 26.60 -45.45
C ASN C 498 -42.71 26.18 -45.71
N SER C 499 -41.78 26.78 -44.98
CA SER C 499 -40.38 26.40 -45.12
C SER C 499 -40.19 24.95 -44.69
N GLU C 500 -39.01 24.41 -45.04
CA GLU C 500 -38.62 23.03 -44.78
C GLU C 500 -39.53 22.03 -45.49
N LYS C 501 -40.19 22.42 -46.59
CA LYS C 501 -41.05 21.50 -47.31
C LYS C 501 -40.23 20.42 -48.03
N SER C 502 -39.14 20.84 -48.68
CA SER C 502 -38.30 19.88 -49.39
C SER C 502 -37.59 18.94 -48.42
N LYS C 503 -37.30 19.42 -47.22
CA LYS C 503 -36.63 18.58 -46.22
C LYS C 503 -37.49 17.39 -45.83
N GLY C 504 -38.80 17.61 -45.67
CA GLY C 504 -39.68 16.52 -45.29
C GLY C 504 -39.82 15.45 -46.35
N ILE C 505 -40.00 15.86 -47.61
CA ILE C 505 -40.19 14.89 -48.68
C ILE C 505 -38.90 14.15 -48.99
N ALA C 506 -37.77 14.87 -49.01
CA ALA C 506 -36.50 14.22 -49.29
C ALA C 506 -36.14 13.20 -48.21
N LEU C 507 -36.36 13.57 -46.95
CA LEU C 507 -36.16 12.61 -45.87
C LEU C 507 -37.19 11.49 -45.89
N LEU C 508 -38.35 11.74 -46.49
CA LEU C 508 -39.34 10.67 -46.64
C LEU C 508 -38.91 9.65 -47.69
N GLN C 509 -38.25 10.10 -48.75
CA GLN C 509 -37.78 9.24 -49.83
C GLN C 509 -36.27 9.34 -49.89
N GLY C 510 -35.58 8.49 -49.12
CA GLY C 510 -34.14 8.52 -49.06
C GLY C 510 -33.58 7.16 -48.72
N SER C 511 -32.28 7.01 -48.95
CA SER C 511 -31.58 5.75 -48.70
C SER C 511 -30.25 6.03 -48.01
N LEU C 512 -29.74 5.02 -47.31
CA LEU C 512 -28.51 5.17 -46.57
C LEU C 512 -27.30 5.22 -47.51
N LYS C 513 -26.29 5.98 -47.10
CA LYS C 513 -25.07 6.11 -47.87
C LYS C 513 -24.24 4.84 -47.75
N PRO C 514 -23.36 4.59 -48.74
CA PRO C 514 -22.52 3.38 -48.69
C PRO C 514 -21.52 3.42 -47.54
N VAL C 515 -20.99 2.25 -47.22
CA VAL C 515 -20.06 2.11 -46.11
C VAL C 515 -18.69 2.66 -46.51
N ARG C 516 -18.11 3.49 -45.66
CA ARG C 516 -16.78 4.02 -45.87
C ARG C 516 -15.76 3.11 -45.18
N SER C 517 -14.52 3.56 -45.07
CA SER C 517 -13.46 2.80 -44.42
C SER C 517 -12.70 3.59 -43.37
N CYS C 518 -12.89 4.91 -43.30
CA CYS C 518 -12.28 5.78 -42.27
C CYS C 518 -10.78 5.54 -42.11
N LEU C 519 -10.11 5.16 -43.21
CA LEU C 519 -8.67 4.94 -43.18
C LEU C 519 -7.99 5.68 -44.32
N VAL C 527 -1.37 10.78 -41.73
CA VAL C 527 -1.80 9.46 -41.29
C VAL C 527 -3.03 9.61 -40.39
N THR C 528 -3.81 8.54 -40.26
CA THR C 528 -5.04 8.56 -39.49
C THR C 528 -4.86 7.78 -38.20
N GLY C 529 -5.36 8.36 -37.10
CA GLY C 529 -5.26 7.73 -35.79
C GLY C 529 -5.94 6.39 -35.71
N SER C 530 -6.92 6.13 -36.58
CA SER C 530 -7.52 4.81 -36.65
C SER C 530 -6.59 3.78 -37.30
N MET C 531 -5.51 4.22 -37.94
CA MET C 531 -4.52 3.32 -38.51
C MET C 531 -3.27 3.19 -37.65
N ILE C 532 -2.93 4.21 -36.86
CA ILE C 532 -1.80 4.12 -35.96
C ILE C 532 -2.04 3.02 -34.93
N ARG C 533 -3.24 2.99 -34.36
CA ARG C 533 -3.59 1.91 -33.45
C ARG C 533 -3.74 0.58 -34.19
N ALA C 534 -4.04 0.63 -35.48
CA ALA C 534 -4.23 -0.60 -36.26
C ALA C 534 -2.95 -1.42 -36.31
N ILE C 535 -1.81 -0.76 -36.49
CA ILE C 535 -0.55 -1.47 -36.61
C ILE C 535 0.18 -1.64 -35.29
N LEU C 536 -0.16 -0.85 -34.28
CA LEU C 536 0.51 -0.90 -32.98
C LEU C 536 0.03 -2.05 -32.10
N GLU C 537 -0.96 -2.81 -32.55
CA GLU C 537 -1.42 -3.96 -31.78
C GLU C 537 -1.00 -5.29 -32.38
N ILE C 538 -0.25 -5.29 -33.48
CA ILE C 538 0.36 -6.49 -34.03
C ILE C 538 1.87 -6.47 -33.89
N ILE C 539 2.50 -5.31 -34.11
CA ILE C 539 3.94 -5.19 -33.87
C ILE C 539 4.25 -5.45 -32.41
N VAL C 540 3.47 -4.87 -31.51
CA VAL C 540 3.63 -5.14 -30.08
C VAL C 540 3.27 -6.58 -29.77
N GLY C 541 2.26 -7.12 -30.47
CA GLY C 541 1.86 -8.49 -30.21
C GLY C 541 2.82 -9.54 -30.69
N GLY C 542 3.86 -9.16 -31.44
CA GLY C 542 4.83 -10.10 -31.95
C GLY C 542 4.40 -10.84 -33.20
N VAL C 543 3.23 -10.52 -33.76
CA VAL C 543 2.75 -11.22 -34.95
C VAL C 543 3.44 -10.68 -36.19
N ALA C 544 3.28 -9.37 -36.45
CA ALA C 544 3.89 -8.73 -37.62
C ALA C 544 5.19 -8.08 -37.17
N SER C 545 6.32 -8.59 -37.65
CA SER C 545 7.63 -8.10 -37.27
C SER C 545 8.37 -7.44 -38.44
N THR C 546 8.55 -8.16 -39.54
CA THR C 546 9.29 -7.65 -40.69
C THR C 546 8.41 -6.71 -41.52
N SER C 547 9.03 -5.65 -42.05
CA SER C 547 8.29 -4.67 -42.84
C SER C 547 7.72 -5.30 -44.10
N GLN C 548 8.47 -6.21 -44.72
CA GLN C 548 7.93 -6.93 -45.87
C GLN C 548 6.71 -7.75 -45.49
N ASP C 549 6.77 -8.44 -44.35
CA ASP C 549 5.59 -9.13 -43.84
C ASP C 549 4.52 -8.16 -43.38
N MET C 550 4.91 -6.98 -42.91
CA MET C 550 3.94 -5.98 -42.48
C MET C 550 3.07 -5.51 -43.64
N HIS C 551 3.60 -5.54 -44.86
CA HIS C 551 2.82 -5.14 -46.02
C HIS C 551 1.75 -6.17 -46.36
N THR C 552 1.96 -7.43 -45.97
CA THR C 552 0.94 -8.45 -46.18
C THR C 552 -0.32 -8.16 -45.36
N TYR C 553 -0.13 -7.69 -44.11
CA TYR C 553 -1.27 -7.45 -43.24
C TYR C 553 -2.19 -6.38 -43.81
N ALA C 554 -1.63 -5.28 -44.32
CA ALA C 554 -2.45 -4.20 -44.84
C ALA C 554 -3.07 -4.55 -46.18
N ALA C 555 -2.62 -5.62 -46.83
CA ALA C 555 -3.19 -6.02 -48.11
C ALA C 555 -4.49 -6.79 -47.97
N CYS C 556 -4.82 -7.27 -46.77
CA CYS C 556 -6.04 -8.00 -46.53
C CYS C 556 -7.08 -7.21 -45.74
N THR C 557 -6.79 -5.95 -45.41
CA THR C 557 -7.75 -5.13 -44.69
C THR C 557 -8.91 -4.74 -45.60
N PHE C 558 -9.98 -4.22 -44.98
CA PHE C 558 -11.15 -3.82 -45.75
C PHE C 558 -10.87 -2.66 -46.69
N LEU C 559 -9.87 -1.82 -46.39
CA LEU C 559 -9.51 -0.75 -47.30
C LEU C 559 -8.99 -1.30 -48.63
N ALA C 560 -8.42 -2.51 -48.62
CA ALA C 560 -7.96 -3.13 -49.85
C ALA C 560 -9.12 -3.42 -50.80
N ALA C 561 -10.23 -3.95 -50.26
CA ALA C 561 -11.38 -4.27 -51.09
C ALA C 561 -12.14 -3.03 -51.54
N SER C 562 -11.85 -1.86 -50.98
CA SER C 562 -12.54 -0.62 -51.33
C SER C 562 -11.82 0.18 -52.39
N MET C 563 -10.78 -0.38 -53.01
CA MET C 563 -9.99 0.33 -54.02
C MET C 563 -10.84 0.75 -55.22
N GLY C 580 3.34 3.91 -49.60
CA GLY C 580 2.20 4.74 -49.28
C GLY C 580 2.21 5.26 -47.85
N ALA C 581 1.03 5.57 -47.33
CA ALA C 581 0.91 6.06 -45.96
C ALA C 581 1.18 4.98 -44.92
N ILE C 582 1.25 3.71 -45.33
CA ILE C 582 1.56 2.65 -44.38
C ILE C 582 3.00 2.76 -43.89
N GLU C 583 3.93 3.14 -44.77
CA GLU C 583 5.33 3.27 -44.37
C GLU C 583 5.53 4.39 -43.37
N ALA C 584 4.79 5.49 -43.53
CA ALA C 584 4.88 6.60 -42.59
C ALA C 584 4.23 6.30 -41.25
N CYS C 585 3.48 5.19 -41.15
CA CYS C 585 2.83 4.85 -39.88
C CYS C 585 3.87 4.57 -38.79
N VAL C 586 4.93 3.84 -39.13
CA VAL C 586 5.98 3.55 -38.15
C VAL C 586 6.88 4.75 -37.91
N MET C 587 6.84 5.77 -38.78
CA MET C 587 7.61 6.98 -38.54
C MET C 587 7.11 7.71 -37.30
N TRP C 588 5.79 7.78 -37.12
CA TRP C 588 5.23 8.39 -35.92
C TRP C 588 5.49 7.54 -34.69
N LEU C 589 5.64 6.23 -34.86
CA LEU C 589 5.95 5.34 -33.74
C LEU C 589 7.43 5.34 -33.38
N LEU C 590 8.27 6.03 -34.16
CA LEU C 590 9.68 6.19 -33.84
C LEU C 590 9.99 7.56 -33.24
N GLU C 591 9.41 8.63 -33.79
CA GLU C 591 9.56 9.94 -33.19
C GLU C 591 8.96 9.97 -31.79
N ASN C 592 7.78 9.37 -31.62
CA ASN C 592 7.19 9.16 -30.31
C ASN C 592 7.46 7.73 -29.89
N GLU C 593 8.08 7.55 -28.73
CA GLU C 593 8.62 6.26 -28.33
C GLU C 593 7.48 5.25 -28.15
N PHE C 594 7.34 4.35 -29.12
CA PHE C 594 6.37 3.27 -29.00
C PHE C 594 6.88 1.90 -29.43
N ILE C 595 8.01 1.81 -30.14
CA ILE C 595 8.50 0.55 -30.64
C ILE C 595 10.02 0.65 -30.81
N GLN C 596 10.70 -0.49 -30.81
CA GLN C 596 12.13 -0.56 -31.03
C GLN C 596 12.57 -1.97 -31.40
N VAL C 608 13.82 -5.59 -38.15
CA VAL C 608 12.96 -6.24 -37.17
C VAL C 608 12.49 -5.23 -36.13
N TYR C 609 11.27 -5.41 -35.64
CA TYR C 609 10.68 -4.52 -34.66
C TYR C 609 10.22 -5.31 -33.44
N HIS C 610 10.56 -4.79 -32.25
CA HIS C 610 10.24 -5.43 -30.98
C HIS C 610 9.49 -4.46 -30.09
N PRO C 611 8.60 -4.97 -29.24
CA PRO C 611 7.86 -4.08 -28.34
C PRO C 611 8.74 -3.47 -27.27
N THR C 612 8.27 -2.37 -26.69
CA THR C 612 8.95 -1.66 -25.62
C THR C 612 8.03 -1.61 -24.39
N HIS C 613 8.48 -0.85 -23.38
CA HIS C 613 7.70 -0.76 -22.14
C HIS C 613 6.49 0.14 -22.32
N LEU C 614 6.67 1.29 -22.96
CA LEU C 614 5.53 2.20 -23.17
C LEU C 614 4.55 1.63 -24.18
N GLY C 615 5.05 1.02 -25.26
CA GLY C 615 4.17 0.44 -26.25
C GLY C 615 3.32 -0.69 -25.68
N SER C 616 3.91 -1.53 -24.84
CA SER C 616 3.15 -2.59 -24.21
C SER C 616 2.16 -2.04 -23.19
N ALA C 617 2.52 -0.95 -22.51
CA ALA C 617 1.65 -0.40 -21.47
C ALA C 617 0.35 0.16 -22.04
N THR C 618 0.40 0.73 -23.25
CA THR C 618 -0.81 1.30 -23.86
C THR C 618 -1.86 0.22 -24.11
N LEU C 619 -1.44 -0.94 -24.60
CA LEU C 619 -2.39 -1.98 -24.99
C LEU C 619 -3.03 -2.63 -23.77
N SER C 620 -2.28 -2.78 -22.69
CA SER C 620 -2.84 -3.40 -21.49
C SER C 620 -3.96 -2.56 -20.89
N SER C 621 -3.80 -1.24 -20.89
CA SER C 621 -4.82 -0.34 -20.35
C SER C 621 -6.03 -0.21 -21.26
N SER C 622 -5.91 -0.58 -22.53
CA SER C 622 -7.01 -0.52 -23.50
C SER C 622 -7.47 0.92 -23.73
N LEU C 623 -6.52 1.78 -24.12
CA LEU C 623 -6.83 3.13 -24.51
C LEU C 623 -5.98 3.50 -25.73
N SER C 624 -6.49 4.42 -26.53
CA SER C 624 -5.87 4.72 -27.81
C SER C 624 -4.52 5.38 -27.61
N PRO C 625 -3.59 5.20 -28.56
CA PRO C 625 -2.26 5.83 -28.43
C PRO C 625 -2.31 7.35 -28.37
N ALA C 626 -3.38 7.98 -28.88
CA ALA C 626 -3.50 9.43 -28.78
C ALA C 626 -3.62 9.87 -27.34
N ASP C 627 -4.35 9.10 -26.52
CA ASP C 627 -4.56 9.45 -25.12
C ASP C 627 -3.34 9.16 -24.25
N THR C 628 -2.53 8.18 -24.61
CA THR C 628 -1.38 7.82 -23.78
C THR C 628 -0.43 9.00 -23.61
N LEU C 629 -0.21 9.76 -24.67
CA LEU C 629 0.70 10.89 -24.61
C LEU C 629 0.24 11.96 -23.63
N ASP C 630 -1.05 11.95 -23.25
CA ASP C 630 -1.57 12.86 -22.24
C ASP C 630 -1.44 12.27 -20.84
N ILE C 631 -1.85 11.01 -20.67
CA ILE C 631 -1.77 10.38 -19.36
C ILE C 631 -0.32 10.17 -18.94
N PHE C 632 0.56 9.90 -19.90
CA PHE C 632 1.97 9.71 -19.56
C PHE C 632 2.59 10.98 -18.99
N ALA C 633 2.27 12.14 -19.59
CA ALA C 633 2.83 13.38 -19.09
C ALA C 633 2.26 13.75 -17.73
N ASP C 634 1.04 13.29 -17.42
CA ASP C 634 0.44 13.56 -16.12
C ASP C 634 1.21 12.87 -15.00
N LEU C 635 1.61 11.62 -15.21
CA LEU C 635 2.27 10.84 -14.17
C LEU C 635 3.74 11.21 -14.00
N GLN C 636 4.41 11.62 -15.08
CA GLN C 636 5.82 12.02 -14.96
C GLN C 636 5.98 13.25 -14.08
N ARG C 637 5.09 14.23 -14.21
CA ARG C 637 5.18 15.43 -13.40
C ARG C 637 4.82 15.16 -11.94
N ALA C 638 4.01 14.14 -11.70
CA ALA C 638 3.53 13.89 -10.33
C ALA C 638 4.65 13.43 -9.41
N MET C 639 5.61 12.68 -9.92
CA MET C 639 6.65 12.09 -9.07
C MET C 639 7.57 13.13 -8.45
N LYS C 640 7.55 14.38 -8.91
CA LYS C 640 8.40 15.44 -8.36
C LYS C 640 7.56 16.31 -7.42
N GLY C 641 7.33 15.80 -6.21
CA GLY C 641 6.64 16.58 -5.19
C GLY C 641 5.16 16.27 -5.03
N PHE C 642 4.82 15.00 -4.89
CA PHE C 642 3.44 14.59 -4.62
C PHE C 642 2.99 15.11 -3.25
N VAL C 643 1.73 15.54 -3.18
CA VAL C 643 1.13 16.05 -1.94
C VAL C 643 0.28 14.94 -1.33
N LEU C 644 0.54 14.63 -0.06
CA LEU C 644 -0.01 13.44 0.57
C LEU C 644 -1.04 13.74 1.66
N GLU C 645 -1.27 14.99 2.01
CA GLU C 645 -2.16 15.29 3.13
C GLU C 645 -3.62 15.14 2.74
N ASN C 646 -4.10 15.96 1.81
CA ASN C 646 -5.48 15.89 1.37
C ASN C 646 -5.61 14.85 0.25
N ASP C 647 -6.75 14.83 -0.42
CA ASP C 647 -6.99 13.87 -1.50
C ASP C 647 -7.25 14.54 -2.84
N LEU C 648 -6.87 15.82 -2.98
CA LEU C 648 -7.08 16.49 -4.26
C LEU C 648 -6.05 16.09 -5.30
N HIS C 649 -4.82 15.75 -4.88
CA HIS C 649 -3.80 15.39 -5.85
C HIS C 649 -4.06 14.00 -6.45
N ILE C 650 -4.53 13.05 -5.64
CA ILE C 650 -4.87 11.74 -6.17
C ILE C 650 -6.11 11.83 -7.05
N LEU C 651 -7.03 12.75 -6.74
CA LEU C 651 -8.23 12.92 -7.54
C LEU C 651 -7.89 13.37 -8.96
N TYR C 652 -6.93 14.28 -9.10
CA TYR C 652 -6.63 14.87 -10.41
C TYR C 652 -6.14 13.81 -11.40
N LEU C 653 -5.33 12.87 -10.93
CA LEU C 653 -4.82 11.80 -11.79
C LEU C 653 -5.82 10.68 -12.03
N VAL C 654 -7.06 10.85 -11.59
CA VAL C 654 -8.08 9.83 -11.70
C VAL C 654 -9.24 10.26 -12.61
N THR C 655 -9.65 11.53 -12.53
CA THR C 655 -10.82 11.97 -13.26
C THR C 655 -10.62 11.82 -14.76
N PRO C 656 -11.63 11.32 -15.47
CA PRO C 656 -11.53 11.26 -16.94
C PRO C 656 -11.46 12.66 -17.53
N MET C 657 -10.89 12.76 -18.73
CA MET C 657 -10.40 14.04 -19.22
C MET C 657 -11.52 15.07 -19.31
N PHE C 658 -12.41 14.95 -20.31
CA PHE C 658 -13.68 15.66 -20.22
C PHE C 658 -14.86 14.82 -20.69
N GLU C 659 -14.68 14.10 -21.81
CA GLU C 659 -15.73 13.37 -22.49
C GLU C 659 -16.93 14.25 -22.86
N ASP C 660 -16.75 15.58 -22.84
CA ASP C 660 -17.81 16.55 -23.10
C ASP C 660 -19.04 16.27 -22.25
N TRP C 661 -18.81 16.13 -20.93
CA TRP C 661 -19.89 15.76 -20.03
C TRP C 661 -20.87 16.92 -19.80
N THR C 662 -20.36 18.15 -19.76
CA THR C 662 -21.19 19.30 -19.42
C THR C 662 -20.46 20.56 -19.84
N THR C 663 -21.21 21.53 -20.36
CA THR C 663 -20.62 22.82 -20.68
C THR C 663 -20.05 23.47 -19.43
N ILE C 664 -18.85 24.03 -19.55
CA ILE C 664 -18.19 24.66 -18.41
C ILE C 664 -18.70 26.08 -18.28
N ASP C 665 -19.21 26.41 -17.09
CA ASP C 665 -19.76 27.73 -16.82
C ASP C 665 -18.65 28.63 -16.27
N TRP C 666 -18.21 29.59 -17.08
CA TRP C 666 -17.24 30.56 -16.62
C TRP C 666 -17.89 31.55 -15.65
N TYR C 667 -17.04 32.30 -14.94
CA TYR C 667 -17.41 33.27 -13.93
C TYR C 667 -18.00 32.62 -12.69
N ARG C 668 -18.19 31.30 -12.70
CA ARG C 668 -18.56 30.54 -11.50
C ARG C 668 -17.37 29.84 -10.88
N PHE C 669 -16.38 29.44 -11.70
CA PHE C 669 -15.19 28.80 -11.18
C PHE C 669 -14.40 29.75 -10.29
N PHE C 670 -14.27 31.01 -10.71
CA PHE C 670 -13.51 31.97 -9.91
C PHE C 670 -14.13 32.16 -8.53
N CYS C 671 -15.45 32.24 -8.46
CA CYS C 671 -16.12 32.30 -7.16
C CYS C 671 -15.88 31.01 -6.37
N LEU C 672 -15.92 29.87 -7.05
CA LEU C 672 -15.69 28.59 -6.36
C LEU C 672 -14.21 28.40 -6.05
N TRP C 673 -13.32 28.74 -6.98
CA TRP C 673 -11.90 28.46 -6.78
C TRP C 673 -11.30 29.36 -5.70
N GLU C 674 -11.61 30.65 -5.73
CA GLU C 674 -10.99 31.56 -4.77
C GLU C 674 -11.74 31.52 -3.44
N LYS C 675 -12.07 30.33 -2.98
CA LYS C 675 -12.49 30.12 -1.61
C LYS C 675 -11.97 28.82 -1.02
N LEU C 676 -11.15 28.07 -1.76
CA LEU C 676 -10.69 26.78 -1.30
C LEU C 676 -9.70 26.93 -0.15
N PRO C 677 -9.55 25.91 0.69
CA PRO C 677 -8.58 25.98 1.78
C PRO C 677 -7.15 26.07 1.25
N THR C 678 -6.25 26.45 2.14
CA THR C 678 -4.85 26.58 1.77
C THR C 678 -4.25 25.23 1.36
N SER C 679 -4.80 24.13 1.89
CA SER C 679 -4.28 22.81 1.54
C SER C 679 -4.70 22.36 0.14
N MET C 680 -5.78 22.94 -0.41
CA MET C 680 -6.24 22.54 -1.73
C MET C 680 -5.72 23.42 -2.84
N LYS C 681 -5.51 24.71 -2.58
CA LYS C 681 -4.98 25.59 -3.60
C LYS C 681 -3.57 25.20 -4.01
N ARG C 682 -2.78 24.68 -3.06
CA ARG C 682 -1.39 24.31 -3.37
C ARG C 682 -1.33 23.11 -4.31
N VAL C 683 -2.29 22.19 -4.22
CA VAL C 683 -2.32 21.04 -5.11
C VAL C 683 -2.59 21.48 -6.54
N ALA C 684 -3.49 22.46 -6.72
CA ALA C 684 -3.84 22.92 -8.06
C ALA C 684 -2.64 23.52 -8.78
N GLU C 685 -1.81 24.29 -8.07
CA GLU C 685 -0.64 24.89 -8.67
C GLU C 685 0.44 23.86 -9.00
N LEU C 686 0.36 22.67 -8.40
CA LEU C 686 1.36 21.63 -8.61
C LEU C 686 1.00 20.67 -9.73
N VAL C 687 -0.14 20.84 -10.38
CA VAL C 687 -0.55 19.94 -11.45
C VAL C 687 -0.71 20.65 -12.79
N GLY C 688 -0.69 21.98 -12.83
CA GLY C 688 -0.80 22.69 -14.08
C GLY C 688 -1.77 23.85 -14.04
N VAL C 689 -2.78 23.76 -13.17
CA VAL C 689 -3.77 24.83 -13.06
C VAL C 689 -3.09 26.09 -12.54
N GLU C 690 -3.36 27.21 -13.20
CA GLU C 690 -2.79 28.48 -12.80
C GLU C 690 -3.74 29.60 -13.14
N GLU C 691 -3.65 30.70 -12.38
CA GLU C 691 -4.50 31.87 -12.61
C GLU C 691 -3.92 32.72 -13.74
N GLY C 692 -3.77 32.09 -14.90
CA GLY C 692 -3.28 32.77 -16.09
C GLY C 692 -4.17 32.52 -17.29
N PHE C 693 -5.08 31.56 -17.17
CA PHE C 693 -6.01 31.23 -18.24
C PHE C 693 -7.47 31.32 -17.83
N LEU C 694 -7.81 31.00 -16.58
CA LEU C 694 -9.20 31.03 -16.15
C LEU C 694 -9.71 32.47 -16.18
N ALA C 695 -10.81 32.69 -16.91
CA ALA C 695 -11.50 33.96 -17.03
C ALA C 695 -10.62 35.08 -17.56
N ARG C 696 -9.42 34.76 -18.05
CA ARG C 696 -8.50 35.74 -18.57
C ARG C 696 -8.55 35.86 -20.09
N CYS C 697 -9.44 35.12 -20.74
CA CYS C 697 -9.54 35.14 -22.20
C CYS C 697 -10.94 35.55 -22.64
N GLN C 709 -3.25 26.24 -26.30
CA GLN C 709 -2.54 24.99 -26.47
C GLN C 709 -3.34 23.83 -25.87
N HIS C 710 -3.35 22.69 -26.56
CA HIS C 710 -4.12 21.55 -26.10
C HIS C 710 -3.60 21.02 -24.78
N ARG C 711 -2.28 20.96 -24.61
CA ARG C 711 -1.72 20.49 -23.34
C ARG C 711 -2.10 21.41 -22.19
N GLN C 712 -2.02 22.73 -22.41
CA GLN C 712 -2.42 23.68 -21.37
C GLN C 712 -3.93 23.66 -21.16
N MET C 713 -4.71 23.37 -22.20
CA MET C 713 -6.16 23.29 -22.06
C MET C 713 -6.59 22.00 -21.39
N ALA C 714 -5.83 20.92 -21.56
CA ALA C 714 -6.19 19.64 -20.98
C ALA C 714 -5.94 19.58 -19.47
N ILE C 715 -4.98 20.36 -18.97
CA ILE C 715 -4.70 20.35 -17.54
C ILE C 715 -5.61 21.30 -16.75
N HIS C 716 -6.26 22.24 -17.43
CA HIS C 716 -7.22 23.15 -16.80
C HIS C 716 -8.65 22.66 -16.90
N LYS C 717 -9.02 22.02 -18.01
CA LYS C 717 -10.35 21.46 -18.16
C LYS C 717 -10.56 20.23 -17.26
N ARG C 718 -9.49 19.62 -16.78
CA ARG C 718 -9.60 18.48 -15.89
C ARG C 718 -9.79 18.89 -14.43
N PHE C 719 -9.54 20.16 -14.10
CA PHE C 719 -9.68 20.60 -12.71
C PHE C 719 -11.14 20.73 -12.30
N PHE C 720 -11.98 21.26 -13.20
CA PHE C 720 -13.40 21.41 -12.88
C PHE C 720 -14.06 20.07 -12.59
N THR C 721 -13.75 19.06 -13.41
CA THR C 721 -14.29 17.73 -13.19
C THR C 721 -13.79 17.11 -11.89
N SER C 722 -12.59 17.50 -11.46
CA SER C 722 -12.04 16.95 -10.22
C SER C 722 -12.69 17.56 -8.99
N LEU C 723 -13.11 18.83 -9.06
CA LEU C 723 -13.71 19.48 -7.91
C LEU C 723 -15.13 18.97 -7.65
N VAL C 724 -15.83 18.53 -8.70
CA VAL C 724 -17.18 18.00 -8.50
C VAL C 724 -17.12 16.72 -7.68
N LEU C 725 -16.16 15.85 -7.97
CA LEU C 725 -15.99 14.62 -7.20
C LEU C 725 -15.48 14.89 -5.79
N LEU C 726 -14.94 16.08 -5.52
CA LEU C 726 -14.49 16.39 -4.17
C LEU C 726 -15.66 16.44 -3.19
N ASP C 727 -16.80 16.96 -3.62
CA ASP C 727 -17.98 16.99 -2.76
C ASP C 727 -18.74 15.68 -2.78
N LEU C 728 -18.47 14.80 -3.74
CA LEU C 728 -19.10 13.48 -3.73
C LEU C 728 -18.47 12.58 -2.67
N ILE C 729 -17.15 12.71 -2.47
CA ILE C 729 -16.46 11.86 -1.49
C ILE C 729 -16.56 12.39 -0.07
N SER C 730 -17.02 13.63 0.10
CA SER C 730 -17.21 14.21 1.43
C SER C 730 -18.65 14.08 1.91
N GLU C 731 -19.47 13.29 1.21
CA GLU C 731 -20.85 12.99 1.61
C GLU C 731 -21.69 14.27 1.73
N VAL C 732 -21.46 15.20 0.81
CA VAL C 732 -22.32 16.38 0.72
C VAL C 732 -23.61 15.99 -0.01
N PRO C 733 -24.78 16.36 0.51
CA PRO C 733 -26.03 15.98 -0.14
C PRO C 733 -26.12 16.52 -1.56
N LEU C 734 -26.74 15.72 -2.44
CA LEU C 734 -26.81 16.04 -3.85
C LEU C 734 -27.63 17.31 -4.13
N ARG C 735 -28.44 17.76 -3.18
CA ARG C 735 -29.31 18.91 -3.41
C ARG C 735 -28.50 20.17 -3.69
N GLU C 736 -27.41 20.39 -2.95
CA GLU C 736 -26.65 21.62 -3.07
C GLU C 736 -25.57 21.57 -4.14
N ILE C 737 -24.99 20.39 -4.37
CA ILE C 737 -23.85 20.30 -5.29
C ILE C 737 -24.29 20.61 -6.72
N ASN C 738 -25.51 20.19 -7.10
CA ASN C 738 -25.98 20.45 -8.45
C ASN C 738 -26.36 21.91 -8.69
N GLN C 739 -26.47 22.71 -7.63
CA GLN C 739 -26.76 24.13 -7.74
C GLN C 739 -25.52 25.01 -7.57
N LYS C 740 -24.65 24.67 -6.63
CA LYS C 740 -23.43 25.44 -6.44
C LYS C 740 -22.53 25.36 -7.68
N TYR C 741 -22.36 24.17 -8.22
CA TYR C 741 -21.56 24.01 -9.44
C TYR C 741 -22.30 24.44 -10.69
N GLY C 742 -23.64 24.51 -10.64
CA GLY C 742 -24.40 24.89 -11.80
C GLY C 742 -24.49 23.83 -12.87
N CYS C 743 -24.21 22.57 -12.52
CA CYS C 743 -24.26 21.46 -13.46
C CYS C 743 -25.61 20.76 -13.36
N ASN C 744 -26.03 20.17 -14.47
CA ASN C 744 -27.35 19.55 -14.53
C ASN C 744 -27.41 18.35 -13.58
N ARG C 745 -28.62 18.10 -13.06
CA ARG C 745 -28.81 17.02 -12.11
C ARG C 745 -28.66 15.66 -12.78
N GLY C 746 -28.97 15.56 -14.07
CA GLY C 746 -28.82 14.31 -14.79
C GLY C 746 -27.41 14.00 -15.27
N GLN C 747 -26.48 14.93 -15.11
CA GLN C 747 -25.09 14.71 -15.48
C GLN C 747 -24.19 14.40 -14.30
N ILE C 748 -24.57 14.81 -13.09
CA ILE C 748 -23.75 14.54 -11.92
C ILE C 748 -23.67 13.04 -11.65
N GLN C 749 -24.79 12.34 -11.74
CA GLN C 749 -24.79 10.91 -11.51
C GLN C 749 -24.18 10.12 -12.67
N SER C 750 -23.85 10.77 -13.77
CA SER C 750 -23.15 10.09 -14.86
C SER C 750 -21.63 10.18 -14.73
N LEU C 751 -21.13 11.11 -13.91
CA LEU C 751 -19.69 11.21 -13.67
C LEU C 751 -19.19 10.13 -12.73
N GLN C 752 -20.01 9.70 -11.76
CA GLN C 752 -19.57 8.71 -10.79
C GLN C 752 -19.23 7.38 -11.47
N GLN C 753 -20.05 6.97 -12.44
CA GLN C 753 -19.76 5.74 -13.16
C GLN C 753 -18.49 5.87 -14.00
N SER C 754 -18.28 7.04 -14.61
CA SER C 754 -17.13 7.24 -15.47
C SER C 754 -15.86 7.59 -14.70
N ALA C 755 -15.94 7.77 -13.39
CA ALA C 755 -14.76 8.05 -12.58
C ALA C 755 -14.17 6.80 -11.96
N ALA C 756 -14.99 5.81 -11.62
CA ALA C 756 -14.47 4.55 -11.09
C ALA C 756 -13.76 3.75 -12.16
N VAL C 757 -14.16 3.90 -13.42
CA VAL C 757 -13.51 3.19 -14.51
C VAL C 757 -12.11 3.74 -14.75
N TYR C 758 -11.97 5.07 -14.78
CA TYR C 758 -10.68 5.67 -15.07
C TYR C 758 -9.69 5.49 -13.93
N ALA C 759 -10.18 5.33 -12.70
CA ALA C 759 -9.29 5.13 -11.56
C ALA C 759 -8.55 3.81 -11.68
N GLY C 760 -9.23 2.75 -12.11
CA GLY C 760 -8.63 1.44 -12.22
C GLY C 760 -7.80 1.22 -13.47
N MET C 761 -7.74 2.19 -14.37
CA MET C 761 -6.95 2.07 -15.59
C MET C 761 -5.54 2.62 -15.42
N ILE C 762 -5.35 3.60 -14.54
CA ILE C 762 -4.04 4.23 -14.39
C ILE C 762 -3.10 3.36 -13.55
N THR C 763 -3.64 2.54 -12.65
CA THR C 763 -2.79 1.61 -11.91
C THR C 763 -2.18 0.57 -12.84
N VAL C 764 -2.96 0.09 -13.81
CA VAL C 764 -2.43 -0.86 -14.79
C VAL C 764 -1.39 -0.18 -15.68
N PHE C 765 -1.59 1.10 -15.99
CA PHE C 765 -0.63 1.81 -16.82
C PHE C 765 0.76 1.86 -16.20
N SER C 766 0.83 1.85 -14.86
CA SER C 766 2.11 1.83 -14.17
C SER C 766 2.62 0.42 -13.90
N ASN C 767 1.73 -0.57 -13.82
CA ASN C 767 2.16 -1.95 -13.62
C ASN C 767 2.99 -2.44 -14.80
N ARG C 768 2.46 -2.31 -16.01
CA ARG C 768 3.15 -2.79 -17.20
C ARG C 768 4.37 -1.95 -17.55
N LEU C 769 4.54 -0.80 -16.91
CA LEU C 769 5.72 0.04 -17.06
C LEU C 769 6.70 -0.15 -15.91
N GLY C 770 6.19 -0.33 -14.70
CA GLY C 770 7.00 -0.57 -13.53
C GLY C 770 7.15 0.68 -12.69
N TRP C 771 6.32 0.79 -11.65
CA TRP C 771 6.38 1.93 -10.73
C TRP C 771 5.71 1.46 -9.44
N HIS C 772 6.53 1.08 -8.45
CA HIS C 772 6.00 0.44 -7.25
C HIS C 772 5.34 1.45 -6.31
N ASN C 773 5.91 2.64 -6.18
CA ASN C 773 5.39 3.60 -5.22
C ASN C 773 4.06 4.21 -5.68
N MET C 774 3.96 4.57 -6.97
CA MET C 774 2.76 5.20 -7.47
C MET C 774 1.57 4.24 -7.50
N GLU C 775 1.82 2.94 -7.59
CA GLU C 775 0.73 1.97 -7.54
C GLU C 775 -0.01 2.02 -6.22
N LEU C 776 0.73 2.08 -5.11
CA LEU C 776 0.09 2.01 -3.79
C LEU C 776 -0.84 3.19 -3.55
N LEU C 777 -0.41 4.40 -3.92
CA LEU C 777 -1.23 5.57 -3.70
C LEU C 777 -2.50 5.53 -4.54
N LEU C 778 -2.40 5.09 -5.79
CA LEU C 778 -3.57 5.04 -6.66
C LEU C 778 -4.48 3.88 -6.33
N SER C 779 -3.91 2.72 -5.99
CA SER C 779 -4.73 1.53 -5.77
C SER C 779 -5.47 1.59 -4.44
N GLN C 780 -4.90 2.23 -3.43
CA GLN C 780 -5.55 2.27 -2.12
C GLN C 780 -6.73 3.23 -2.09
N PHE C 781 -6.91 4.07 -3.12
CA PHE C 781 -7.99 5.04 -3.13
C PHE C 781 -9.10 4.70 -4.12
N GLN C 782 -8.83 3.88 -5.14
CA GLN C 782 -9.81 3.63 -6.18
C GLN C 782 -11.11 3.06 -5.61
N LYS C 783 -11.06 2.41 -4.45
CA LYS C 783 -12.28 1.93 -3.81
C LYS C 783 -13.04 3.06 -3.11
N ARG C 784 -12.33 4.03 -2.55
CA ARG C 784 -12.99 5.13 -1.83
C ARG C 784 -13.83 5.98 -2.78
N LEU C 785 -13.29 6.26 -3.98
CA LEU C 785 -14.02 7.08 -4.94
C LEU C 785 -15.31 6.41 -5.40
N THR C 786 -15.33 5.08 -5.44
CA THR C 786 -16.55 4.36 -5.82
C THR C 786 -17.67 4.65 -4.83
N PHE C 787 -17.36 4.67 -3.54
CA PHE C 787 -18.35 4.99 -2.52
C PHE C 787 -18.59 6.49 -2.48
N GLY C 788 -19.86 6.87 -2.33
CA GLY C 788 -20.24 8.27 -2.28
C GLY C 788 -20.21 8.94 -3.63
#